data_9LYD
#
_entry.id   9LYD
#
_cell.length_a   1.00
_cell.length_b   1.00
_cell.length_c   1.00
_cell.angle_alpha   90.00
_cell.angle_beta   90.00
_cell.angle_gamma   90.00
#
_symmetry.space_group_name_H-M   'P 1'
#
_entity_poly.entity_id   1
_entity_poly.type   'polypeptide(L)'
_entity_poly.pdbx_seq_one_letter_code
;IIALSYIFCLVFADYKDDDDAGRAMMWGAGSPLAWLSAGSGNVNVSSVGPAEGPTGPAAPLPSPKAWDVVLCISGTLVSC
ENALVVAIIVGTPAFRAPMFLLVGSLAVADLLAGLGLVLHFAAVFCIGSAEMSLVLVGVLAMAFTASIGSLLAITVDRYL
SLYNALTYYSETTVTRTYVMLALVWGGALGLGLLPVLAWNCLDGLTTCGVVYPLSKNHLVVLAIAFFMVFGIMLQLYAQI
CRIVCRHAQQIALQRHLLPASHYVATRKGIATLAVVLGAFAACWLPFTVYCLLGDAHSPPLYTYLTLLPATYNSMINPII
YAFRNQDVQKVLWAVCCCCSSSKIPFRSRSPSDVEFLEVLFQGPHHHHHHHHHHMIEETAKKVKELGFKKAGLLATTGTI
VSGVYEKEFSKYGVEIMTPTEDEQKDVMRGIYEGVKAGNLKLGRELLLKTAKILEERGAECIIAGCTEVSVVLKQDDLKV
PLIDP
;
_entity_poly.pdbx_strand_id   Q,R
#
# COMPACT_ATOMS: atom_id res chain seq x y z
N ALA A 59 -21.40 -25.39 45.70
CA ALA A 59 -20.82 -24.37 44.83
C ALA A 59 -21.76 -24.04 43.68
N PRO A 60 -22.72 -23.15 43.91
CA PRO A 60 -23.66 -22.79 42.86
C PRO A 60 -23.10 -21.71 41.94
N LEU A 61 -23.50 -21.80 40.68
CA LEU A 61 -23.07 -20.82 39.68
C LEU A 61 -23.83 -19.51 39.88
N PRO A 62 -23.15 -18.38 40.06
CA PRO A 62 -23.87 -17.10 40.23
C PRO A 62 -24.70 -16.76 39.01
N SER A 63 -25.83 -16.11 39.26
CA SER A 63 -26.72 -15.74 38.17
C SER A 63 -26.09 -14.63 37.34
N PRO A 64 -25.88 -14.82 36.04
CA PRO A 64 -25.23 -13.79 35.23
C PRO A 64 -26.07 -12.54 35.09
N LYS A 65 -25.39 -11.41 34.94
CA LYS A 65 -26.03 -10.12 34.72
C LYS A 65 -26.52 -10.07 33.26
N ALA A 66 -27.33 -9.06 32.96
CA ALA A 66 -28.00 -9.00 31.66
C ALA A 66 -27.02 -8.97 30.50
N TRP A 67 -25.87 -8.30 30.68
CA TRP A 67 -24.91 -8.21 29.57
C TRP A 67 -24.53 -9.59 29.05
N ASP A 68 -24.52 -10.59 29.93
CA ASP A 68 -24.22 -11.95 29.49
C ASP A 68 -25.28 -12.45 28.50
N VAL A 69 -26.55 -12.22 28.79
CA VAL A 69 -27.56 -12.72 27.86
C VAL A 69 -27.57 -11.87 26.59
N VAL A 70 -27.20 -10.59 26.68
CA VAL A 70 -27.07 -9.80 25.46
C VAL A 70 -25.99 -10.40 24.56
N LEU A 71 -24.85 -10.75 25.15
CA LEU A 71 -23.79 -11.40 24.37
C LEU A 71 -24.27 -12.72 23.79
N CYS A 72 -25.05 -13.47 24.57
CA CYS A 72 -25.58 -14.75 24.08
C CYS A 72 -26.48 -14.55 22.86
N ILE A 73 -27.38 -13.56 22.92
CA ILE A 73 -28.25 -13.30 21.78
C ILE A 73 -27.44 -12.85 20.58
N SER A 74 -26.45 -11.98 20.80
CA SER A 74 -25.63 -11.52 19.68
C SER A 74 -24.95 -12.70 18.99
N GLY A 75 -24.36 -13.60 19.78
CA GLY A 75 -23.72 -14.77 19.20
C GLY A 75 -24.71 -15.69 18.51
N THR A 76 -25.91 -15.83 19.07
CA THR A 76 -26.91 -16.71 18.47
C THR A 76 -27.31 -16.23 17.09
N LEU A 77 -27.64 -14.93 16.97
CA LEU A 77 -27.97 -14.40 15.65
C LEU A 77 -26.76 -14.39 14.71
N VAL A 78 -25.55 -14.22 15.24
CA VAL A 78 -24.37 -14.29 14.38
C VAL A 78 -24.27 -15.67 13.73
N SER A 79 -24.39 -16.72 14.55
CA SER A 79 -24.32 -18.08 14.03
C SER A 79 -25.46 -18.36 13.07
N CYS A 80 -26.68 -17.90 13.42
CA CYS A 80 -27.82 -18.14 12.55
C CYS A 80 -27.64 -17.45 11.21
N GLU A 81 -27.12 -16.22 11.21
CA GLU A 81 -26.90 -15.51 9.96
C GLU A 81 -25.84 -16.21 9.11
N ASN A 82 -24.75 -16.66 9.73
CA ASN A 82 -23.70 -17.27 8.92
C ASN A 82 -23.98 -18.70 8.48
N ALA A 83 -24.89 -19.40 9.16
CA ALA A 83 -25.16 -20.78 8.78
C ALA A 83 -25.63 -20.86 7.34
N LEU A 84 -26.59 -20.01 6.97
CA LEU A 84 -27.10 -20.04 5.60
C LEU A 84 -26.01 -19.70 4.60
N VAL A 85 -25.17 -18.71 4.90
CA VAL A 85 -24.20 -18.28 3.90
C VAL A 85 -23.14 -19.36 3.70
N VAL A 86 -22.69 -20.02 4.77
CA VAL A 86 -21.73 -21.09 4.55
C VAL A 86 -22.39 -22.25 3.82
N ALA A 87 -23.66 -22.52 4.11
CA ALA A 87 -24.36 -23.59 3.42
C ALA A 87 -24.39 -23.36 1.91
N ILE A 88 -24.85 -22.17 1.50
CA ILE A 88 -24.94 -21.91 0.06
C ILE A 88 -23.55 -21.82 -0.58
N ILE A 89 -22.57 -21.27 0.15
CA ILE A 89 -21.22 -21.17 -0.42
C ILE A 89 -20.66 -22.55 -0.69
N VAL A 90 -20.84 -23.49 0.24
CA VAL A 90 -20.31 -24.83 0.03
C VAL A 90 -21.20 -25.66 -0.89
N GLY A 91 -22.45 -25.25 -1.09
CA GLY A 91 -23.41 -26.06 -1.83
C GLY A 91 -23.23 -26.14 -3.33
N THR A 92 -23.43 -25.03 -4.02
CA THR A 92 -23.51 -25.05 -5.48
C THR A 92 -22.16 -25.37 -6.09
N PRO A 93 -22.06 -26.41 -6.92
CA PRO A 93 -20.75 -26.75 -7.52
C PRO A 93 -20.17 -25.65 -8.39
N ALA A 94 -21.00 -24.74 -8.90
CA ALA A 94 -20.50 -23.71 -9.80
C ALA A 94 -19.69 -22.63 -9.08
N PHE A 95 -19.84 -22.51 -7.77
CA PHE A 95 -19.19 -21.45 -7.01
C PHE A 95 -17.90 -21.94 -6.37
N ARG A 96 -16.99 -22.41 -7.21
CA ARG A 96 -15.63 -22.79 -6.79
C ARG A 96 -14.58 -21.86 -7.36
N ALA A 97 -14.95 -20.61 -7.62
CA ALA A 97 -13.99 -19.65 -8.14
C ALA A 97 -12.94 -19.34 -7.07
N PRO A 98 -11.73 -18.91 -7.47
CA PRO A 98 -10.71 -18.59 -6.47
C PRO A 98 -11.13 -17.54 -5.47
N MET A 99 -11.96 -16.57 -5.88
CA MET A 99 -12.42 -15.55 -4.95
C MET A 99 -13.43 -16.09 -3.96
N PHE A 100 -14.12 -17.18 -4.30
CA PHE A 100 -15.14 -17.71 -3.40
C PHE A 100 -14.53 -18.41 -2.20
N LEU A 101 -13.31 -18.92 -2.33
CA LEU A 101 -12.67 -19.63 -1.22
C LEU A 101 -12.45 -18.70 -0.04
N LEU A 102 -12.02 -17.45 -0.30
CA LEU A 102 -11.80 -16.50 0.78
C LEU A 102 -13.10 -16.16 1.49
N VAL A 103 -14.19 -15.98 0.73
CA VAL A 103 -15.49 -15.71 1.33
C VAL A 103 -15.91 -16.87 2.21
N GLY A 104 -15.71 -18.10 1.72
CA GLY A 104 -16.01 -19.26 2.54
C GLY A 104 -15.19 -19.30 3.82
N SER A 105 -13.91 -18.93 3.73
CA SER A 105 -13.06 -18.92 4.91
C SER A 105 -13.57 -17.92 5.94
N LEU A 106 -13.93 -16.72 5.48
CA LEU A 106 -14.48 -15.73 6.39
C LEU A 106 -15.78 -16.24 7.04
N ALA A 107 -16.65 -16.86 6.24
CA ALA A 107 -17.91 -17.32 6.77
C ALA A 107 -17.71 -18.40 7.84
N VAL A 108 -16.83 -19.35 7.57
CA VAL A 108 -16.62 -20.42 8.54
C VAL A 108 -15.94 -19.88 9.79
N ALA A 109 -15.04 -18.91 9.63
CA ALA A 109 -14.41 -18.30 10.80
C ALA A 109 -15.45 -17.63 11.70
N ASP A 110 -16.37 -16.87 11.09
CA ASP A 110 -17.36 -16.18 11.91
C ASP A 110 -18.35 -17.17 12.53
N LEU A 111 -18.69 -18.24 11.81
CA LEU A 111 -19.55 -19.26 12.39
C LEU A 111 -18.87 -19.93 13.60
N LEU A 112 -17.57 -20.19 13.48
CA LEU A 112 -16.81 -20.71 14.60
C LEU A 112 -16.82 -19.75 15.77
N ALA A 113 -16.71 -18.44 15.49
CA ALA A 113 -16.76 -17.45 16.55
C ALA A 113 -18.09 -17.49 17.29
N GLY A 114 -19.19 -17.55 16.54
CA GLY A 114 -20.50 -17.61 17.17
C GLY A 114 -20.68 -18.87 18.00
N LEU A 115 -20.25 -20.00 17.47
CA LEU A 115 -20.32 -21.25 18.23
C LEU A 115 -19.51 -21.15 19.52
N GLY A 116 -18.32 -20.57 19.44
CA GLY A 116 -17.51 -20.41 20.63
C GLY A 116 -18.18 -19.52 21.67
N LEU A 117 -18.81 -18.43 21.21
CA LEU A 117 -19.46 -17.53 22.15
C LEU A 117 -20.62 -18.22 22.86
N VAL A 118 -21.46 -18.93 22.10
CA VAL A 118 -22.61 -19.58 22.74
C VAL A 118 -22.13 -20.71 23.66
N LEU A 119 -21.08 -21.43 23.27
CA LEU A 119 -20.55 -22.49 24.12
C LEU A 119 -19.95 -21.91 25.40
N HIS A 120 -19.30 -20.76 25.32
CA HIS A 120 -18.77 -20.13 26.52
C HIS A 120 -19.89 -19.70 27.45
N PHE A 121 -20.96 -19.12 26.90
CA PHE A 121 -22.11 -18.78 27.73
C PHE A 121 -22.68 -20.02 28.40
N ALA A 122 -22.73 -21.13 27.66
CA ALA A 122 -23.17 -22.38 28.27
C ALA A 122 -22.24 -22.79 29.40
N ALA A 123 -20.93 -22.62 29.20
CA ALA A 123 -19.98 -22.97 30.24
C ALA A 123 -20.16 -22.12 31.48
N VAL A 124 -20.67 -20.90 31.32
CA VAL A 124 -20.90 -20.03 32.47
C VAL A 124 -22.36 -20.16 32.93
N PHE A 125 -23.09 -21.10 32.33
CA PHE A 125 -24.51 -21.30 32.65
C PHE A 125 -24.74 -22.78 32.97
N CYS A 126 -24.98 -23.08 34.25
CA CYS A 126 -25.18 -24.44 34.76
C CYS A 126 -24.23 -25.44 34.12
N ILE A 127 -22.94 -25.10 34.13
CA ILE A 127 -21.89 -26.02 33.73
C ILE A 127 -20.85 -26.08 34.85
N GLY A 128 -20.37 -24.92 35.27
CA GLY A 128 -19.43 -24.84 36.37
C GLY A 128 -18.11 -25.55 36.13
N SER A 129 -17.52 -25.30 34.97
CA SER A 129 -16.25 -25.91 34.60
C SER A 129 -15.12 -24.89 34.71
N ALA A 130 -13.89 -25.39 34.61
CA ALA A 130 -12.70 -24.55 34.68
C ALA A 130 -11.88 -24.59 33.41
N GLU A 131 -11.52 -25.79 32.93
CA GLU A 131 -10.65 -25.89 31.75
C GLU A 131 -11.40 -25.56 30.47
N MET A 132 -12.67 -25.96 30.39
CA MET A 132 -13.45 -25.69 29.19
C MET A 132 -13.61 -24.20 28.94
N SER A 133 -13.72 -23.39 30.00
CA SER A 133 -13.76 -21.95 29.80
C SER A 133 -12.47 -21.45 29.17
N LEU A 134 -11.33 -21.99 29.61
CA LEU A 134 -10.04 -21.59 29.04
C LEU A 134 -9.96 -21.96 27.56
N VAL A 135 -10.34 -23.19 27.22
CA VAL A 135 -10.24 -23.58 25.81
C VAL A 135 -11.23 -22.80 24.97
N LEU A 136 -12.38 -22.42 25.54
CA LEU A 136 -13.35 -21.64 24.79
C LEU A 136 -12.85 -20.23 24.53
N VAL A 137 -12.19 -19.61 25.51
CA VAL A 137 -11.63 -18.29 25.23
C VAL A 137 -10.51 -18.40 24.19
N GLY A 138 -9.75 -19.49 24.23
CA GLY A 138 -8.73 -19.71 23.21
C GLY A 138 -9.32 -19.81 21.82
N VAL A 139 -10.39 -20.60 21.66
CA VAL A 139 -10.98 -20.74 20.34
C VAL A 139 -11.65 -19.44 19.91
N LEU A 140 -12.15 -18.65 20.86
CA LEU A 140 -12.70 -17.35 20.50
C LEU A 140 -11.62 -16.44 19.90
N ALA A 141 -10.44 -16.42 20.53
CA ALA A 141 -9.34 -15.63 19.98
C ALA A 141 -8.95 -16.15 18.61
N MET A 142 -8.87 -17.48 18.47
CA MET A 142 -8.68 -18.11 17.17
C MET A 142 -9.60 -17.52 16.12
N ALA A 143 -10.90 -17.54 16.40
CA ALA A 143 -11.89 -17.14 15.42
C ALA A 143 -11.77 -15.67 15.05
N PHE A 144 -11.54 -14.80 16.04
CA PHE A 144 -11.43 -13.38 15.71
C PHE A 144 -10.21 -13.09 14.86
N THR A 145 -9.07 -13.69 15.19
CA THR A 145 -7.89 -13.50 14.35
C THR A 145 -8.13 -14.03 12.94
N ALA A 146 -8.83 -15.16 12.83
CA ALA A 146 -9.14 -15.70 11.51
C ALA A 146 -10.01 -14.75 10.70
N SER A 147 -11.00 -14.12 11.35
CA SER A 147 -11.85 -13.18 10.63
C SER A 147 -11.06 -11.98 10.12
N ILE A 148 -10.15 -11.45 10.95
CA ILE A 148 -9.35 -10.32 10.51
C ILE A 148 -8.48 -10.71 9.33
N GLY A 149 -7.90 -11.91 9.37
CA GLY A 149 -7.09 -12.37 8.27
C GLY A 149 -7.89 -12.57 7.00
N SER A 150 -9.13 -13.05 7.14
CA SER A 150 -9.98 -13.21 5.97
C SER A 150 -10.29 -11.88 5.32
N LEU A 151 -10.56 -10.84 6.13
CA LEU A 151 -10.78 -9.52 5.55
C LEU A 151 -9.56 -9.04 4.78
N LEU A 152 -8.37 -9.19 5.38
CA LEU A 152 -7.15 -8.75 4.69
C LEU A 152 -6.96 -9.50 3.37
N ALA A 153 -7.17 -10.82 3.39
CA ALA A 153 -7.00 -11.61 2.17
C ALA A 153 -7.99 -11.19 1.10
N ILE A 154 -9.24 -10.94 1.49
CA ILE A 154 -10.25 -10.52 0.51
C ILE A 154 -9.85 -9.20 -0.15
N THR A 155 -9.39 -8.25 0.66
CA THR A 155 -9.05 -6.95 0.06
C THR A 155 -7.83 -7.06 -0.82
N VAL A 156 -6.84 -7.89 -0.45
CA VAL A 156 -5.67 -8.01 -1.32
C VAL A 156 -6.04 -8.71 -2.62
N ASP A 157 -6.95 -9.68 -2.57
CA ASP A 157 -7.40 -10.32 -3.81
C ASP A 157 -8.11 -9.32 -4.71
N ARG A 158 -8.97 -8.47 -4.13
CA ARG A 158 -9.65 -7.47 -4.95
C ARG A 158 -8.67 -6.50 -5.59
N TYR A 159 -7.66 -6.06 -4.84
CA TYR A 159 -6.67 -5.14 -5.39
C TYR A 159 -5.91 -5.80 -6.54
N LEU A 160 -5.43 -7.02 -6.33
CA LEU A 160 -4.68 -7.69 -7.39
C LEU A 160 -5.56 -7.97 -8.61
N SER A 161 -6.86 -8.16 -8.40
CA SER A 161 -7.76 -8.34 -9.54
C SER A 161 -7.90 -7.06 -10.34
N LEU A 162 -8.17 -5.94 -9.67
CA LEU A 162 -8.37 -4.69 -10.41
C LEU A 162 -7.08 -4.08 -10.93
N TYR A 163 -5.91 -4.52 -10.45
CA TYR A 163 -4.66 -3.98 -10.96
C TYR A 163 -4.19 -4.72 -12.20
N ASN A 164 -4.43 -6.04 -12.25
CA ASN A 164 -3.89 -6.86 -13.33
C ASN A 164 -4.53 -6.56 -14.67
N ALA A 165 -5.62 -5.81 -14.70
CA ALA A 165 -6.28 -5.45 -15.95
C ALA A 165 -5.61 -4.29 -16.67
N LEU A 166 -4.44 -3.85 -16.21
CA LEU A 166 -3.70 -2.78 -16.86
C LEU A 166 -2.34 -3.21 -17.37
N THR A 167 -1.57 -3.93 -16.56
CA THR A 167 -0.28 -4.46 -17.01
C THR A 167 -0.45 -5.64 -17.95
N TYR A 168 -1.58 -6.33 -17.89
CA TYR A 168 -1.88 -7.49 -18.74
C TYR A 168 -0.85 -8.60 -18.52
N TYR A 169 -0.82 -9.13 -17.31
CA TYR A 169 0.06 -10.25 -16.98
C TYR A 169 -0.59 -11.04 -15.85
N SER A 170 -1.25 -12.14 -16.19
CA SER A 170 -1.95 -12.98 -15.23
C SER A 170 -1.44 -14.41 -15.32
N GLU A 171 -1.13 -15.01 -14.17
CA GLU A 171 -0.67 -16.39 -14.13
C GLU A 171 -0.89 -16.94 -12.73
N THR A 172 -0.94 -18.27 -12.65
CA THR A 172 -0.90 -19.04 -11.42
C THR A 172 -2.16 -18.89 -10.56
N THR A 173 -2.54 -19.97 -9.88
CA THR A 173 -3.56 -19.94 -8.85
C THR A 173 -3.16 -20.67 -7.58
N VAL A 174 -2.09 -21.47 -7.62
CA VAL A 174 -1.60 -22.15 -6.43
C VAL A 174 -0.46 -21.40 -5.76
N THR A 175 0.27 -20.56 -6.51
CA THR A 175 1.36 -19.79 -5.92
C THR A 175 0.84 -18.65 -5.05
N ARG A 176 -0.38 -18.16 -5.32
CA ARG A 176 -0.90 -16.97 -4.66
C ARG A 176 -2.06 -17.26 -3.71
N THR A 177 -3.08 -17.97 -4.17
CA THR A 177 -4.29 -18.09 -3.36
C THR A 177 -4.05 -18.96 -2.13
N TYR A 178 -3.46 -20.14 -2.31
CA TYR A 178 -3.30 -21.04 -1.17
C TYR A 178 -2.22 -20.58 -0.22
N VAL A 179 -1.22 -19.84 -0.69
CA VAL A 179 -0.14 -19.43 0.20
C VAL A 179 -0.66 -18.46 1.24
N MET A 180 -1.63 -17.62 0.88
CA MET A 180 -2.22 -16.69 1.82
C MET A 180 -3.44 -17.25 2.52
N LEU A 181 -4.17 -18.17 1.88
CA LEU A 181 -5.29 -18.82 2.55
C LEU A 181 -4.83 -19.72 3.66
N ALA A 182 -3.67 -20.37 3.49
CA ALA A 182 -3.11 -21.22 4.53
C ALA A 182 -2.30 -20.45 5.57
N LEU A 183 -1.99 -19.18 5.31
CA LEU A 183 -1.23 -18.38 6.26
C LEU A 183 -2.12 -17.58 7.20
N VAL A 184 -3.43 -17.56 6.99
CA VAL A 184 -4.35 -16.83 7.85
C VAL A 184 -4.96 -17.74 8.90
N TRP A 185 -5.45 -18.92 8.50
CA TRP A 185 -5.86 -19.90 9.48
C TRP A 185 -4.67 -20.53 10.16
N GLY A 186 -3.64 -20.89 9.40
CA GLY A 186 -2.43 -21.44 9.99
C GLY A 186 -1.67 -20.42 10.81
N GLY A 187 -1.64 -19.16 10.36
CA GLY A 187 -0.99 -18.13 11.14
C GLY A 187 -1.68 -17.83 12.45
N ALA A 188 -2.99 -18.04 12.52
CA ALA A 188 -3.72 -17.86 13.76
C ALA A 188 -3.52 -19.01 14.72
N LEU A 189 -2.91 -20.11 14.28
CA LEU A 189 -2.67 -21.25 15.17
C LEU A 189 -1.75 -20.84 16.32
N GLY A 190 -0.68 -20.12 16.01
CA GLY A 190 0.24 -19.71 17.06
C GLY A 190 -0.40 -18.77 18.06
N LEU A 191 -1.14 -17.79 17.57
CA LEU A 191 -1.77 -16.80 18.43
C LEU A 191 -3.04 -17.31 19.10
N GLY A 192 -3.51 -18.50 18.73
CA GLY A 192 -4.62 -19.12 19.43
C GLY A 192 -4.18 -20.23 20.35
N LEU A 193 -2.93 -20.66 20.20
CA LEU A 193 -2.33 -21.64 21.11
C LEU A 193 -1.48 -21.01 22.19
N LEU A 194 -0.96 -19.80 21.97
CA LEU A 194 -0.23 -19.10 23.02
C LEU A 194 -1.07 -18.83 24.26
N PRO A 195 -2.30 -18.32 24.17
CA PRO A 195 -3.03 -17.95 25.39
C PRO A 195 -3.31 -19.12 26.32
N VAL A 196 -3.29 -20.36 25.83
CA VAL A 196 -3.56 -21.53 26.65
C VAL A 196 -2.26 -22.21 27.09
N LEU A 197 -1.25 -22.22 26.22
CA LEU A 197 -0.05 -23.01 26.49
C LEU A 197 0.70 -22.49 27.71
N ALA A 198 1.26 -21.28 27.63
CA ALA A 198 2.11 -20.78 28.70
C ALA A 198 1.85 -19.31 29.00
N TRP A 199 0.66 -18.81 28.72
CA TRP A 199 0.34 -17.41 28.97
C TRP A 199 -0.91 -17.28 29.84
N ASN A 200 -1.07 -18.16 30.81
CA ASN A 200 -2.27 -18.19 31.64
C ASN A 200 -2.14 -17.25 32.83
N CYS A 201 -3.23 -17.11 33.58
CA CYS A 201 -3.28 -16.24 34.75
C CYS A 201 -3.31 -17.00 36.06
N LEU A 202 -3.57 -18.32 36.04
CA LEU A 202 -3.75 -19.06 37.27
C LEU A 202 -2.46 -19.20 38.07
N ASP A 203 -1.30 -19.01 37.44
CA ASP A 203 -0.03 -19.12 38.15
C ASP A 203 0.10 -18.05 39.22
N GLY A 204 -0.30 -16.82 38.90
CA GLY A 204 -0.27 -15.72 39.83
C GLY A 204 0.71 -14.61 39.48
N LEU A 205 1.79 -14.92 38.77
CA LEU A 205 2.76 -13.91 38.40
C LEU A 205 2.26 -13.01 37.27
N THR A 206 1.41 -13.54 36.39
CA THR A 206 0.92 -12.75 35.27
C THR A 206 0.00 -11.63 35.75
N THR A 207 0.13 -10.47 35.12
CA THR A 207 -0.68 -9.32 35.52
C THR A 207 -2.15 -9.56 35.27
N CYS A 208 -2.49 -10.21 34.14
CA CYS A 208 -3.86 -10.52 33.76
C CYS A 208 -4.68 -9.22 33.63
N GLY A 209 -4.30 -8.46 32.61
CA GLY A 209 -4.76 -7.09 32.44
C GLY A 209 -6.25 -6.85 32.36
N VAL A 210 -6.91 -7.28 31.30
CA VAL A 210 -8.29 -6.86 31.01
C VAL A 210 -9.26 -8.03 31.06
N VAL A 211 -9.12 -8.99 30.16
CA VAL A 211 -10.06 -10.10 30.04
C VAL A 211 -9.49 -11.30 30.77
N TYR A 212 -10.25 -11.81 31.74
CA TYR A 212 -9.78 -12.89 32.59
C TYR A 212 -10.13 -14.23 31.96
N PRO A 213 -9.15 -15.11 31.72
CA PRO A 213 -7.72 -14.94 31.92
C PRO A 213 -6.95 -14.64 30.64
N LEU A 214 -6.23 -13.52 30.58
CA LEU A 214 -5.32 -13.23 29.48
C LEU A 214 -4.18 -12.39 30.02
N SER A 215 -2.95 -12.76 29.67
CA SER A 215 -1.80 -12.02 30.13
C SER A 215 -1.70 -10.69 29.41
N LYS A 216 -0.94 -9.76 30.01
CA LYS A 216 -0.74 -8.45 29.40
C LYS A 216 0.01 -8.56 28.09
N ASN A 217 1.06 -9.40 28.05
CA ASN A 217 1.92 -9.47 26.87
C ASN A 217 1.17 -9.97 25.65
N HIS A 218 0.35 -11.01 25.83
CA HIS A 218 -0.39 -11.58 24.71
C HIS A 218 -1.36 -10.56 24.12
N LEU A 219 -2.06 -9.83 24.98
CA LEU A 219 -3.00 -8.81 24.52
C LEU A 219 -2.27 -7.68 23.80
N VAL A 220 -1.10 -7.28 24.32
CA VAL A 220 -0.32 -6.23 23.67
C VAL A 220 0.11 -6.67 22.27
N VAL A 221 0.56 -7.92 22.15
CA VAL A 221 0.99 -8.43 20.86
C VAL A 221 -0.19 -8.45 19.88
N LEU A 222 -1.36 -8.89 20.36
CA LEU A 222 -2.54 -8.89 19.50
C LEU A 222 -2.88 -7.48 19.02
N ALA A 223 -2.81 -6.50 19.91
CA ALA A 223 -3.13 -5.13 19.51
C ALA A 223 -2.12 -4.59 18.49
N ILE A 224 -0.84 -4.91 18.66
CA ILE A 224 0.16 -4.45 17.69
C ILE A 224 -0.13 -5.04 16.32
N ALA A 225 -0.44 -6.34 16.27
CA ALA A 225 -0.78 -6.95 14.99
C ALA A 225 -2.00 -6.29 14.37
N PHE A 226 -2.99 -5.95 15.20
CA PHE A 226 -4.19 -5.32 14.67
C PHE A 226 -3.88 -3.96 14.06
N PHE A 227 -3.03 -3.17 14.72
CA PHE A 227 -2.72 -1.85 14.16
C PHE A 227 -1.93 -1.97 12.86
N MET A 228 -1.03 -2.95 12.78
CA MET A 228 -0.29 -3.18 11.55
C MET A 228 -1.25 -3.51 10.40
N VAL A 229 -2.17 -4.44 10.62
CA VAL A 229 -3.07 -4.84 9.54
C VAL A 229 -4.00 -3.70 9.17
N PHE A 230 -4.37 -2.86 10.15
CA PHE A 230 -5.18 -1.70 9.84
C PHE A 230 -4.45 -0.75 8.90
N GLY A 231 -3.16 -0.52 9.16
CA GLY A 231 -2.39 0.33 8.27
C GLY A 231 -2.33 -0.22 6.85
N ILE A 232 -2.05 -1.52 6.73
CA ILE A 232 -1.99 -2.12 5.40
C ILE A 232 -3.33 -1.97 4.69
N MET A 233 -4.42 -2.23 5.40
CA MET A 233 -5.75 -2.11 4.81
C MET A 233 -6.01 -0.68 4.33
N LEU A 234 -5.60 0.30 5.13
CA LEU A 234 -5.82 1.70 4.76
C LEU A 234 -5.11 2.04 3.46
N GLN A 235 -3.84 1.65 3.35
CA GLN A 235 -3.10 1.99 2.13
C GLN A 235 -3.70 1.26 0.94
N LEU A 236 -4.07 -0.01 1.11
CA LEU A 236 -4.67 -0.74 0.00
C LEU A 236 -5.95 -0.07 -0.49
N TYR A 237 -6.77 0.39 0.44
CA TYR A 237 -8.01 1.04 0.04
C TYR A 237 -7.74 2.37 -0.65
N ALA A 238 -6.71 3.09 -0.21
CA ALA A 238 -6.36 4.32 -0.91
C ALA A 238 -5.99 4.03 -2.37
N GLN A 239 -5.19 2.98 -2.59
CA GLN A 239 -4.81 2.64 -3.95
C GLN A 239 -6.02 2.24 -4.79
N ILE A 240 -6.91 1.43 -4.22
CA ILE A 240 -8.06 0.97 -5.00
C ILE A 240 -8.98 2.14 -5.33
N CYS A 241 -9.13 3.09 -4.40
CA CYS A 241 -9.94 4.27 -4.68
C CYS A 241 -9.33 5.12 -5.78
N ARG A 242 -8.01 5.31 -5.73
CA ARG A 242 -7.35 6.09 -6.77
C ARG A 242 -7.53 5.45 -8.14
N ILE A 243 -7.36 4.13 -8.22
CA ILE A 243 -7.53 3.45 -9.50
C ILE A 243 -8.96 3.47 -10.00
N VAL A 244 -9.95 3.28 -9.12
CA VAL A 244 -11.34 3.24 -9.57
C VAL A 244 -11.92 4.61 -9.84
N CYS A 245 -11.33 5.67 -9.30
CA CYS A 245 -11.83 7.02 -9.59
C CYS A 245 -11.61 7.38 -11.05
N ARG A 246 -10.45 7.02 -11.60
CA ARG A 246 -10.14 7.31 -12.99
C ARG A 246 -11.18 6.70 -13.93
N HIS A 247 -11.68 5.51 -13.59
CA HIS A 247 -12.73 4.89 -14.39
C HIS A 247 -14.06 5.40 -13.84
N ALA A 248 -14.17 6.71 -13.65
CA ALA A 248 -15.44 7.37 -13.43
C ALA A 248 -15.46 8.69 -14.16
N ALA A 265 -21.62 11.43 -8.27
CA ALA A 265 -20.30 11.86 -8.74
C ALA A 265 -19.26 11.78 -7.61
N THR A 266 -18.87 12.94 -7.09
CA THR A 266 -17.91 12.97 -6.00
C THR A 266 -18.46 12.27 -4.76
N ARG A 267 -19.71 12.59 -4.39
CA ARG A 267 -20.33 11.96 -3.23
C ARG A 267 -20.48 10.46 -3.43
N LYS A 268 -20.94 10.04 -4.62
CA LYS A 268 -21.07 8.61 -4.91
C LYS A 268 -19.70 7.93 -4.96
N GLY A 269 -18.72 8.59 -5.55
CA GLY A 269 -17.38 8.02 -5.61
C GLY A 269 -16.78 7.80 -4.23
N ILE A 270 -16.96 8.78 -3.34
CA ILE A 270 -16.48 8.62 -1.97
C ILE A 270 -17.25 7.52 -1.25
N ALA A 271 -18.58 7.55 -1.34
CA ALA A 271 -19.41 6.57 -0.64
C ALA A 271 -19.21 5.16 -1.17
N THR A 272 -18.65 5.03 -2.38
CA THR A 272 -18.36 3.68 -2.90
C THR A 272 -17.48 2.91 -1.94
N LEU A 273 -16.39 3.54 -1.48
CA LEU A 273 -15.56 2.97 -0.42
C LEU A 273 -15.36 4.06 0.63
N ALA A 274 -16.37 4.25 1.48
CA ALA A 274 -16.24 5.03 2.70
C ALA A 274 -16.97 4.42 3.88
N VAL A 275 -17.98 3.59 3.66
CA VAL A 275 -18.72 3.01 4.76
C VAL A 275 -18.03 1.75 5.27
N VAL A 276 -17.35 1.02 4.40
CA VAL A 276 -16.73 -0.24 4.82
C VAL A 276 -15.57 0.01 5.78
N LEU A 277 -14.70 0.96 5.43
CA LEU A 277 -13.56 1.25 6.30
C LEU A 277 -14.00 1.92 7.59
N GLY A 278 -14.96 2.83 7.50
CA GLY A 278 -15.50 3.45 8.70
C GLY A 278 -16.14 2.44 9.63
N ALA A 279 -16.90 1.50 9.07
CA ALA A 279 -17.52 0.47 9.89
C ALA A 279 -16.46 -0.41 10.55
N PHE A 280 -15.46 -0.83 9.79
CA PHE A 280 -14.38 -1.63 10.35
C PHE A 280 -13.70 -0.91 11.51
N ALA A 281 -13.33 0.35 11.31
CA ALA A 281 -12.66 1.10 12.36
C ALA A 281 -13.55 1.28 13.57
N ALA A 282 -14.77 1.81 13.36
CA ALA A 282 -15.66 2.08 14.48
C ALA A 282 -16.11 0.81 15.19
N CYS A 283 -15.92 -0.36 14.58
CA CYS A 283 -16.28 -1.59 15.24
C CYS A 283 -15.11 -2.26 15.96
N TRP A 284 -13.88 -2.06 15.50
CA TRP A 284 -12.77 -2.78 16.11
C TRP A 284 -11.80 -1.92 16.92
N LEU A 285 -11.79 -0.60 16.74
CA LEU A 285 -10.87 0.25 17.48
C LEU A 285 -11.07 0.22 19.00
N PRO A 286 -12.30 0.35 19.53
CA PRO A 286 -12.43 0.56 20.98
C PRO A 286 -11.81 -0.53 21.84
N PHE A 287 -11.95 -1.80 21.44
CA PHE A 287 -11.41 -2.88 22.26
C PHE A 287 -9.89 -2.80 22.35
N THR A 288 -9.22 -2.54 21.23
CA THR A 288 -7.76 -2.47 21.25
C THR A 288 -7.28 -1.22 22.00
N VAL A 289 -7.99 -0.10 21.84
CA VAL A 289 -7.62 1.09 22.58
C VAL A 289 -7.73 0.85 24.08
N TYR A 290 -8.83 0.20 24.51
CA TYR A 290 -8.97 -0.17 25.91
C TYR A 290 -7.85 -1.11 26.34
N CYS A 291 -7.52 -2.09 25.51
CA CYS A 291 -6.46 -3.03 25.82
C CYS A 291 -5.16 -2.30 26.13
N LEU A 292 -4.82 -1.29 25.32
CA LEU A 292 -3.61 -0.52 25.59
C LEU A 292 -3.75 0.32 26.86
N LEU A 293 -4.85 1.06 27.00
CA LEU A 293 -4.97 2.04 28.08
C LEU A 293 -5.42 1.44 29.41
N GLY A 294 -5.93 0.22 29.42
CA GLY A 294 -6.62 -0.30 30.59
C GLY A 294 -5.68 -0.74 31.70
N ASP A 295 -6.29 -1.29 32.75
CA ASP A 295 -5.57 -1.78 33.91
C ASP A 295 -6.39 -2.88 34.56
N ALA A 296 -5.74 -3.63 35.45
CA ALA A 296 -6.40 -4.77 36.08
C ALA A 296 -7.59 -4.33 36.93
N HIS A 297 -7.46 -3.22 37.65
CA HIS A 297 -8.51 -2.74 38.55
C HIS A 297 -9.51 -1.85 37.86
N SER A 298 -9.68 -1.99 36.55
CA SER A 298 -10.63 -1.17 35.81
C SER A 298 -12.06 -1.56 36.17
N PRO A 299 -13.00 -0.64 36.05
CA PRO A 299 -14.40 -0.98 36.30
C PRO A 299 -14.87 -2.06 35.34
N PRO A 300 -15.80 -2.90 35.76
CA PRO A 300 -16.14 -4.08 34.95
C PRO A 300 -17.05 -3.77 33.77
N LEU A 301 -17.86 -2.71 33.87
CA LEU A 301 -18.80 -2.42 32.81
C LEU A 301 -18.12 -1.92 31.54
N TYR A 302 -16.91 -1.39 31.64
CA TYR A 302 -16.23 -0.83 30.47
C TYR A 302 -15.91 -1.91 29.44
N THR A 303 -15.39 -3.05 29.90
CA THR A 303 -15.04 -4.11 28.96
C THR A 303 -16.28 -4.67 28.28
N TYR A 304 -17.36 -4.85 29.04
CA TYR A 304 -18.60 -5.34 28.44
C TYR A 304 -19.15 -4.34 27.44
N LEU A 305 -19.05 -3.05 27.73
CA LEU A 305 -19.51 -2.04 26.78
C LEU A 305 -18.68 -2.06 25.51
N THR A 306 -17.36 -2.21 25.62
CA THR A 306 -16.52 -2.13 24.44
C THR A 306 -16.43 -3.44 23.66
N LEU A 307 -16.87 -4.56 24.22
CA LEU A 307 -16.79 -5.81 23.47
C LEU A 307 -17.94 -6.02 22.51
N LEU A 308 -19.02 -5.25 22.64
CA LEU A 308 -20.16 -5.40 21.73
C LEU A 308 -19.84 -5.09 20.28
N PRO A 309 -19.10 -4.03 19.93
CA PRO A 309 -18.87 -3.73 18.51
C PRO A 309 -18.17 -4.86 17.75
N ALA A 310 -17.37 -5.68 18.42
CA ALA A 310 -16.74 -6.80 17.72
C ALA A 310 -17.78 -7.77 17.18
N THR A 311 -18.73 -8.17 18.03
CA THR A 311 -19.80 -9.05 17.58
C THR A 311 -20.71 -8.34 16.58
N TYR A 312 -20.91 -7.03 16.74
CA TYR A 312 -21.70 -6.29 15.77
C TYR A 312 -21.06 -6.33 14.39
N ASN A 313 -19.74 -6.15 14.33
CA ASN A 313 -19.05 -6.26 13.04
C ASN A 313 -19.13 -7.67 12.50
N SER A 314 -19.02 -8.67 13.38
CA SER A 314 -19.15 -10.06 12.95
C SER A 314 -20.50 -10.30 12.29
N MET A 315 -21.57 -9.70 12.82
CA MET A 315 -22.88 -9.87 12.20
C MET A 315 -23.03 -9.03 10.94
N ILE A 316 -22.42 -7.84 10.90
CA ILE A 316 -22.59 -6.95 9.76
C ILE A 316 -21.85 -7.49 8.53
N ASN A 317 -20.65 -8.01 8.72
CA ASN A 317 -19.74 -8.30 7.62
C ASN A 317 -20.31 -9.20 6.52
N PRO A 318 -21.00 -10.31 6.81
CA PRO A 318 -21.49 -11.15 5.70
C PRO A 318 -22.58 -10.50 4.87
N ILE A 319 -23.32 -9.55 5.43
CA ILE A 319 -24.32 -8.85 4.63
C ILE A 319 -23.65 -7.93 3.61
N ILE A 320 -22.48 -7.40 3.93
CA ILE A 320 -21.84 -6.39 3.10
C ILE A 320 -20.78 -6.97 2.17
N TYR A 321 -20.18 -8.11 2.51
CA TYR A 321 -19.16 -8.70 1.65
C TYR A 321 -19.62 -9.93 0.89
N ALA A 322 -20.77 -10.50 1.22
CA ALA A 322 -21.24 -11.71 0.55
C ALA A 322 -22.57 -11.52 -0.16
N PHE A 323 -23.57 -10.93 0.49
CA PHE A 323 -24.88 -10.77 -0.14
C PHE A 323 -24.87 -9.73 -1.25
N ARG A 324 -23.91 -8.78 -1.23
CA ARG A 324 -23.88 -7.74 -2.24
C ARG A 324 -23.61 -8.31 -3.62
N ASN A 325 -22.78 -9.35 -3.70
CA ASN A 325 -22.53 -10.01 -4.97
C ASN A 325 -23.84 -10.54 -5.54
N GLN A 326 -24.12 -10.19 -6.79
CA GLN A 326 -25.43 -10.46 -7.37
C GLN A 326 -25.64 -11.91 -7.77
N ASP A 327 -24.57 -12.70 -7.90
CA ASP A 327 -24.73 -14.11 -8.23
C ASP A 327 -25.44 -14.85 -7.10
N VAL A 328 -25.02 -14.59 -5.86
CA VAL A 328 -25.72 -15.18 -4.72
C VAL A 328 -27.15 -14.66 -4.66
N GLN A 329 -27.37 -13.42 -5.08
CA GLN A 329 -28.72 -12.89 -5.12
C GLN A 329 -29.58 -13.67 -6.12
N LYS A 330 -29.00 -14.02 -7.28
CA LYS A 330 -29.71 -14.83 -8.24
C LYS A 330 -30.02 -16.21 -7.67
N VAL A 331 -29.06 -16.80 -6.96
CA VAL A 331 -29.28 -18.11 -6.36
C VAL A 331 -30.42 -18.05 -5.37
N LEU A 332 -30.44 -17.01 -4.52
CA LEU A 332 -31.51 -16.86 -3.54
C LEU A 332 -32.85 -16.62 -4.22
N TRP A 333 -32.88 -15.79 -5.26
CA TRP A 333 -34.12 -15.50 -5.95
C TRP A 333 -34.68 -16.74 -6.62
N ALA A 334 -33.80 -17.56 -7.20
CA ALA A 334 -34.25 -18.85 -7.72
C ALA A 334 -34.78 -19.74 -6.61
N VAL A 335 -34.12 -19.73 -5.45
CA VAL A 335 -34.64 -20.43 -4.29
C VAL A 335 -35.96 -19.79 -3.85
N CYS A 336 -36.00 -18.47 -3.79
CA CYS A 336 -37.20 -17.75 -3.37
C CYS A 336 -38.15 -17.54 -4.54
N MET A 375 -14.27 9.24 -14.41
CA MET A 375 -14.10 10.51 -15.08
C MET A 375 -14.49 10.27 -16.53
N ILE A 376 -14.38 9.01 -16.95
CA ILE A 376 -14.67 8.60 -18.32
C ILE A 376 -16.13 8.16 -18.48
N GLU A 377 -16.68 7.53 -17.44
CA GLU A 377 -18.06 7.07 -17.43
C GLU A 377 -19.01 8.26 -17.61
N GLU A 378 -18.77 9.35 -16.86
CA GLU A 378 -19.59 10.54 -17.00
C GLU A 378 -19.40 11.20 -18.36
N THR A 379 -18.18 11.19 -18.90
CA THR A 379 -17.97 11.73 -20.24
C THR A 379 -18.78 10.96 -21.27
N ALA A 380 -18.80 9.64 -21.15
CA ALA A 380 -19.64 8.80 -22.00
C ALA A 380 -21.12 9.10 -21.83
N LYS A 381 -21.57 9.31 -20.60
CA LYS A 381 -22.94 9.73 -20.36
C LYS A 381 -23.26 11.02 -21.11
N LYS A 382 -22.39 12.02 -20.98
CA LYS A 382 -22.61 13.31 -21.62
C LYS A 382 -22.65 13.17 -23.14
N VAL A 383 -21.73 12.38 -23.69
CA VAL A 383 -21.70 12.17 -25.13
C VAL A 383 -22.98 11.50 -25.60
N LYS A 384 -23.42 10.46 -24.89
CA LYS A 384 -24.63 9.75 -25.30
C LYS A 384 -25.87 10.63 -25.17
N GLU A 385 -25.89 11.50 -24.16
CA GLU A 385 -27.04 12.38 -23.96
C GLU A 385 -27.14 13.45 -25.04
N LEU A 386 -26.04 13.78 -25.71
CA LEU A 386 -26.07 14.79 -26.76
C LEU A 386 -26.53 14.21 -28.11
N GLY A 387 -26.78 12.91 -28.19
CA GLY A 387 -27.20 12.29 -29.42
C GLY A 387 -26.10 11.98 -30.40
N PHE A 388 -24.84 12.28 -30.06
CA PHE A 388 -23.72 11.98 -30.95
C PHE A 388 -23.43 10.48 -30.93
N LYS A 389 -23.39 9.87 -32.12
CA LYS A 389 -23.05 8.47 -32.24
C LYS A 389 -21.59 8.25 -32.65
N LYS A 390 -20.81 9.31 -32.82
CA LYS A 390 -19.45 9.14 -33.34
C LYS A 390 -18.61 10.21 -32.65
N ALA A 391 -17.48 9.81 -32.09
CA ALA A 391 -16.55 10.74 -31.45
C ALA A 391 -15.14 10.49 -31.96
N GLY A 392 -14.35 11.56 -32.07
CA GLY A 392 -12.94 11.43 -32.37
C GLY A 392 -12.10 11.66 -31.12
N LEU A 393 -10.91 11.06 -31.09
CA LEU A 393 -10.06 11.10 -29.90
C LEU A 393 -8.68 11.66 -30.21
N LEU A 394 -8.15 12.47 -29.29
CA LEU A 394 -6.75 12.87 -29.31
C LEU A 394 -6.18 12.56 -27.93
N ALA A 395 -5.28 11.60 -27.85
CA ALA A 395 -4.67 11.22 -26.58
C ALA A 395 -3.33 10.52 -26.86
N THR A 396 -2.69 10.06 -25.79
CA THR A 396 -1.40 9.42 -25.89
C THR A 396 -1.53 8.01 -26.47
N THR A 397 -0.41 7.51 -27.00
CA THR A 397 -0.42 6.17 -27.60
C THR A 397 -0.74 5.10 -26.57
N GLY A 398 -0.20 5.23 -25.36
CA GLY A 398 -0.53 4.28 -24.32
C GLY A 398 -2.02 4.26 -24.01
N THR A 399 -2.66 5.43 -23.99
CA THR A 399 -4.07 5.49 -23.67
C THR A 399 -4.91 4.79 -24.73
N ILE A 400 -4.62 5.01 -26.00
CA ILE A 400 -5.41 4.38 -27.06
C ILE A 400 -5.16 2.88 -27.06
N VAL A 401 -3.92 2.47 -26.84
CA VAL A 401 -3.62 1.04 -26.81
C VAL A 401 -4.32 0.38 -25.63
N SER A 402 -4.44 1.09 -24.51
CA SER A 402 -4.98 0.52 -23.28
C SER A 402 -6.39 -0.02 -23.48
N GLY A 403 -7.15 0.52 -24.43
CA GLY A 403 -8.46 -0.01 -24.73
C GLY A 403 -9.57 0.46 -23.82
N VAL A 404 -9.30 1.36 -22.88
CA VAL A 404 -10.34 1.79 -21.94
C VAL A 404 -11.45 2.54 -22.67
N TYR A 405 -11.08 3.45 -23.58
CA TYR A 405 -12.08 4.33 -24.19
C TYR A 405 -13.07 3.53 -25.02
N GLU A 406 -12.58 2.54 -25.76
CA GLU A 406 -13.45 1.74 -26.62
C GLU A 406 -14.52 1.02 -25.81
N LYS A 407 -14.13 0.32 -24.74
CA LYS A 407 -15.14 -0.37 -23.93
C LYS A 407 -16.08 0.64 -23.27
N GLU A 408 -15.54 1.72 -22.71
CA GLU A 408 -16.38 2.66 -21.99
C GLU A 408 -17.42 3.30 -22.91
N PHE A 409 -17.02 3.66 -24.13
CA PHE A 409 -17.95 4.29 -25.05
C PHE A 409 -18.82 3.27 -25.77
N SER A 410 -18.40 2.01 -25.83
CA SER A 410 -19.24 0.97 -26.39
C SER A 410 -20.33 0.54 -25.41
N LYS A 411 -20.08 0.72 -24.11
CA LYS A 411 -21.12 0.46 -23.13
C LYS A 411 -22.37 1.29 -23.37
N TYR A 412 -22.24 2.45 -23.99
CA TYR A 412 -23.37 3.30 -24.35
C TYR A 412 -23.62 3.33 -25.85
N GLY A 413 -22.91 2.51 -26.63
CA GLY A 413 -23.11 2.48 -28.06
C GLY A 413 -22.50 3.63 -28.83
N VAL A 414 -21.38 4.17 -28.38
CA VAL A 414 -20.70 5.27 -29.04
C VAL A 414 -19.38 4.76 -29.61
N GLU A 415 -19.10 5.13 -30.86
CA GLU A 415 -17.90 4.68 -31.55
C GLU A 415 -16.87 5.79 -31.61
N ILE A 416 -15.62 5.45 -31.30
CA ILE A 416 -14.52 6.39 -31.26
C ILE A 416 -13.61 6.16 -32.45
N MET A 417 -12.93 7.23 -32.87
CA MET A 417 -12.00 7.19 -33.98
C MET A 417 -10.65 7.71 -33.54
N THR A 418 -9.62 6.96 -33.85
CA THR A 418 -8.25 7.36 -33.66
C THR A 418 -7.54 7.42 -35.00
N PRO A 419 -6.76 8.46 -35.27
CA PRO A 419 -6.09 8.57 -36.57
C PRO A 419 -5.08 7.46 -36.77
N THR A 420 -4.47 7.45 -37.96
CA THR A 420 -3.54 6.40 -38.32
C THR A 420 -2.25 6.56 -37.51
N GLU A 421 -1.43 5.51 -37.56
CA GLU A 421 -0.24 5.45 -36.72
C GLU A 421 0.72 6.61 -37.00
N ASP A 422 0.77 7.07 -38.25
CA ASP A 422 1.61 8.23 -38.56
C ASP A 422 1.08 9.47 -37.87
N GLU A 423 -0.24 9.68 -37.93
CA GLU A 423 -0.82 10.79 -37.20
C GLU A 423 -0.81 10.56 -35.69
N GLN A 424 -0.79 9.31 -35.24
CA GLN A 424 -0.52 9.05 -33.83
C GLN A 424 0.86 9.55 -33.43
N LYS A 425 1.87 9.28 -34.25
CA LYS A 425 3.20 9.80 -33.96
C LYS A 425 3.21 11.32 -34.03
N ASP A 426 2.45 11.89 -34.97
CA ASP A 426 2.34 13.34 -35.05
C ASP A 426 1.77 13.93 -33.78
N VAL A 427 0.72 13.30 -33.22
CA VAL A 427 0.15 13.76 -31.96
C VAL A 427 1.13 13.54 -30.82
N MET A 428 1.90 12.44 -30.88
CA MET A 428 2.97 12.21 -29.93
C MET A 428 3.91 13.41 -29.87
N ARG A 429 4.40 13.85 -31.03
CA ARG A 429 5.27 15.02 -31.08
C ARG A 429 4.54 16.27 -30.62
N GLY A 430 3.30 16.47 -31.09
CA GLY A 430 2.59 17.69 -30.76
C GLY A 430 2.36 17.85 -29.27
N ILE A 431 2.14 16.75 -28.57
CA ILE A 431 1.91 16.83 -27.13
C ILE A 431 3.24 16.97 -26.39
N TYR A 432 4.17 16.04 -26.62
CA TYR A 432 5.41 16.03 -25.85
C TYR A 432 6.53 16.85 -26.49
N GLU A 433 6.85 16.59 -27.76
CA GLU A 433 7.83 17.42 -28.44
C GLU A 433 7.28 18.83 -28.70
N GLY A 434 5.98 19.02 -28.55
CA GLY A 434 5.33 20.29 -28.81
C GLY A 434 5.03 21.08 -27.56
N VAL A 435 3.78 20.98 -27.08
CA VAL A 435 3.34 21.79 -25.95
C VAL A 435 4.21 21.55 -24.72
N LYS A 436 4.51 20.28 -24.44
CA LYS A 436 5.28 19.98 -23.23
C LYS A 436 6.73 20.44 -23.35
N ALA A 437 7.31 20.36 -24.54
CA ALA A 437 8.71 20.74 -24.73
C ALA A 437 8.93 22.24 -24.82
N GLY A 438 7.86 23.04 -24.83
CA GLY A 438 7.97 24.47 -24.97
C GLY A 438 7.76 24.99 -26.37
N ASN A 439 7.80 24.13 -27.38
CA ASN A 439 7.51 24.51 -28.76
C ASN A 439 6.00 24.46 -28.95
N LEU A 440 5.34 25.49 -28.44
CA LEU A 440 3.89 25.55 -28.50
C LEU A 440 3.36 25.59 -29.92
N LYS A 441 4.08 26.28 -30.82
CA LYS A 441 3.62 26.44 -32.20
C LYS A 441 3.51 25.09 -32.90
N LEU A 442 4.53 24.25 -32.77
CA LEU A 442 4.49 22.94 -33.39
C LEU A 442 3.35 22.10 -32.83
N GLY A 443 3.17 22.15 -31.50
CA GLY A 443 2.10 21.38 -30.90
C GLY A 443 0.74 21.80 -31.40
N ARG A 444 0.46 23.11 -31.42
CA ARG A 444 -0.84 23.57 -31.88
C ARG A 444 -1.03 23.25 -33.35
N GLU A 445 0.02 23.38 -34.16
CA GLU A 445 -0.09 23.07 -35.59
C GLU A 445 -0.46 21.61 -35.79
N LEU A 446 0.27 20.70 -35.14
CA LEU A 446 0.02 19.27 -35.31
C LEU A 446 -1.36 18.89 -34.80
N LEU A 447 -1.73 19.39 -33.62
CA LEU A 447 -3.04 19.07 -33.07
C LEU A 447 -4.15 19.61 -33.97
N LEU A 448 -3.97 20.81 -34.53
CA LEU A 448 -5.01 21.38 -35.36
C LEU A 448 -5.17 20.60 -36.66
N LYS A 449 -4.06 20.19 -37.29
CA LYS A 449 -4.22 19.40 -38.51
C LYS A 449 -4.86 18.06 -38.23
N THR A 450 -4.47 17.43 -37.11
CA THR A 450 -5.08 16.14 -36.74
C THR A 450 -6.58 16.30 -36.50
N ALA A 451 -6.96 17.34 -35.75
CA ALA A 451 -8.37 17.59 -35.51
C ALA A 451 -9.11 17.88 -36.80
N LYS A 452 -8.47 18.61 -37.72
CA LYS A 452 -9.11 18.95 -38.98
C LYS A 452 -9.38 17.68 -39.79
N ILE A 453 -8.40 16.80 -39.90
CA ILE A 453 -8.61 15.60 -40.71
C ILE A 453 -9.63 14.69 -40.03
N LEU A 454 -9.59 14.60 -38.70
CA LEU A 454 -10.59 13.79 -37.99
C LEU A 454 -11.99 14.34 -38.21
N GLU A 455 -12.14 15.67 -38.13
CA GLU A 455 -13.44 16.29 -38.34
C GLU A 455 -13.93 16.05 -39.76
N GLU A 456 -13.04 16.13 -40.75
CA GLU A 456 -13.44 15.87 -42.13
C GLU A 456 -13.90 14.44 -42.32
N ARG A 457 -13.43 13.51 -41.48
CA ARG A 457 -13.79 12.11 -41.63
C ARG A 457 -15.16 11.77 -41.05
N GLY A 458 -15.80 12.70 -40.34
CA GLY A 458 -17.18 12.51 -39.93
C GLY A 458 -17.45 12.57 -38.44
N ALA A 459 -16.54 13.12 -37.66
CA ALA A 459 -16.71 13.20 -36.22
C ALA A 459 -17.52 14.45 -35.86
N GLU A 460 -18.56 14.25 -35.05
CA GLU A 460 -19.39 15.35 -34.58
C GLU A 460 -18.90 15.94 -33.27
N CYS A 461 -17.86 15.34 -32.67
CA CYS A 461 -17.28 15.86 -31.43
C CYS A 461 -15.90 15.27 -31.26
N ILE A 462 -15.03 16.05 -30.62
CA ILE A 462 -13.62 15.71 -30.44
C ILE A 462 -13.31 15.71 -28.95
N ILE A 463 -12.59 14.69 -28.49
CA ILE A 463 -12.21 14.54 -27.09
C ILE A 463 -10.71 14.78 -26.97
N ALA A 464 -10.31 15.59 -26.00
CA ALA A 464 -8.92 15.90 -25.74
C ALA A 464 -8.50 15.14 -24.48
N GLY A 465 -7.92 13.96 -24.67
CA GLY A 465 -7.63 13.06 -23.57
C GLY A 465 -6.62 13.58 -22.57
N CYS A 466 -5.93 14.68 -22.88
CA CYS A 466 -4.96 15.25 -21.97
C CYS A 466 -5.08 16.76 -22.00
N THR A 467 -4.53 17.38 -20.94
CA THR A 467 -4.64 18.82 -20.79
C THR A 467 -3.86 19.58 -21.86
N GLU A 468 -2.73 19.03 -22.32
CA GLU A 468 -1.91 19.73 -23.31
C GLU A 468 -2.68 20.01 -24.59
N VAL A 469 -3.58 19.12 -24.99
CA VAL A 469 -4.41 19.38 -26.16
C VAL A 469 -5.33 20.57 -25.90
N SER A 470 -5.94 20.62 -24.71
CA SER A 470 -6.83 21.74 -24.37
C SER A 470 -6.06 23.05 -24.26
N VAL A 471 -4.76 22.98 -23.96
CA VAL A 471 -3.97 24.20 -23.76
C VAL A 471 -3.92 25.03 -25.04
N VAL A 472 -3.69 24.37 -26.18
CA VAL A 472 -3.49 25.07 -27.44
C VAL A 472 -4.69 24.99 -28.36
N LEU A 473 -5.69 24.17 -28.06
CA LEU A 473 -6.86 24.00 -28.89
C LEU A 473 -8.11 24.40 -28.12
N LYS A 474 -8.93 25.26 -28.70
CA LYS A 474 -10.14 25.77 -28.09
C LYS A 474 -11.35 25.47 -28.96
N GLN A 475 -12.53 25.87 -28.48
CA GLN A 475 -13.77 25.57 -29.18
C GLN A 475 -13.85 26.30 -30.52
N ASP A 476 -13.38 27.55 -30.57
CA ASP A 476 -13.49 28.34 -31.78
C ASP A 476 -12.72 27.75 -32.95
N ASP A 477 -11.73 26.89 -32.69
CA ASP A 477 -10.94 26.31 -33.75
C ASP A 477 -11.61 25.14 -34.44
N LEU A 478 -12.76 24.69 -33.93
CA LEU A 478 -13.46 23.55 -34.51
C LEU A 478 -14.94 23.87 -34.69
N LYS A 479 -15.50 23.40 -35.80
CA LYS A 479 -16.93 23.51 -36.01
C LYS A 479 -17.71 22.63 -35.05
N VAL A 480 -17.21 21.44 -34.76
CA VAL A 480 -17.86 20.51 -33.84
C VAL A 480 -17.51 20.92 -32.42
N PRO A 481 -18.30 20.53 -31.42
CA PRO A 481 -17.97 20.89 -30.03
C PRO A 481 -16.63 20.28 -29.61
N LEU A 482 -15.89 21.04 -28.82
CA LEU A 482 -14.66 20.56 -28.18
C LEU A 482 -14.98 20.27 -26.72
N ILE A 483 -14.77 19.03 -26.30
CA ILE A 483 -15.11 18.57 -24.97
C ILE A 483 -13.86 18.00 -24.32
N ASP A 484 -13.65 18.31 -23.04
CA ASP A 484 -12.49 17.84 -22.32
C ASP A 484 -12.89 17.22 -20.99
N PRO A 485 -12.11 16.27 -20.49
CA PRO A 485 -12.33 15.69 -19.16
C PRO A 485 -12.17 16.74 -18.05
N ALA B 59 21.59 24.46 46.07
CA ALA B 59 20.96 23.49 45.18
C ALA B 59 21.89 23.14 44.02
N PRO B 60 22.80 22.21 44.23
CA PRO B 60 23.73 21.82 43.18
C PRO B 60 23.10 20.80 42.22
N LEU B 61 23.63 20.78 41.00
CA LEU B 61 23.15 19.85 39.99
C LEU B 61 23.93 18.55 40.08
N PRO B 62 23.26 17.40 40.25
CA PRO B 62 23.98 16.13 40.37
C PRO B 62 24.84 15.83 39.16
N SER B 63 25.97 15.18 39.40
CA SER B 63 26.86 14.82 38.31
C SER B 63 26.22 13.74 37.44
N PRO B 64 26.11 13.96 36.14
CA PRO B 64 25.45 12.96 35.29
C PRO B 64 26.24 11.68 35.15
N LYS B 65 25.53 10.59 34.85
CA LYS B 65 26.15 9.31 34.57
C LYS B 65 26.78 9.32 33.17
N ALA B 66 27.65 8.35 32.91
CA ALA B 66 28.38 8.31 31.65
C ALA B 66 27.45 8.14 30.45
N TRP B 67 26.27 7.54 30.66
CA TRP B 67 25.32 7.46 29.56
C TRP B 67 24.92 8.85 29.06
N ASP B 68 24.92 9.85 29.94
CA ASP B 68 24.60 11.20 29.51
C ASP B 68 25.63 11.72 28.52
N VAL B 69 26.92 11.53 28.81
CA VAL B 69 27.93 12.02 27.87
C VAL B 69 27.94 11.18 26.60
N VAL B 70 27.55 9.89 26.70
CA VAL B 70 27.37 9.10 25.49
C VAL B 70 26.30 9.71 24.61
N LEU B 71 25.16 10.09 25.20
CA LEU B 71 24.10 10.73 24.44
C LEU B 71 24.56 12.06 23.85
N CYS B 72 25.34 12.82 24.63
CA CYS B 72 25.86 14.10 24.13
C CYS B 72 26.76 13.88 22.91
N ILE B 73 27.63 12.88 22.97
CA ILE B 73 28.50 12.58 21.84
C ILE B 73 27.69 12.19 20.62
N SER B 74 26.67 11.34 20.82
CA SER B 74 25.83 10.94 19.70
C SER B 74 25.12 12.14 19.07
N GLY B 75 24.58 13.02 19.91
CA GLY B 75 23.88 14.19 19.39
C GLY B 75 24.81 15.13 18.65
N THR B 76 26.02 15.34 19.19
CA THR B 76 26.99 16.19 18.51
C THR B 76 27.36 15.62 17.16
N LEU B 77 27.59 14.31 17.08
CA LEU B 77 27.90 13.70 15.80
C LEU B 77 26.73 13.84 14.83
N VAL B 78 25.51 13.67 15.31
CA VAL B 78 24.34 13.79 14.44
C VAL B 78 24.26 15.20 13.86
N SER B 79 24.41 16.21 14.72
CA SER B 79 24.33 17.59 14.25
C SER B 79 25.44 17.90 13.26
N CYS B 80 26.67 17.47 13.57
CA CYS B 80 27.78 17.74 12.66
C CYS B 80 27.56 17.07 11.31
N GLU B 81 27.09 15.83 11.31
CA GLU B 81 26.88 15.14 10.04
C GLU B 81 25.78 15.80 9.22
N ASN B 82 24.69 16.21 9.87
CA ASN B 82 23.58 16.77 9.13
C ASN B 82 23.81 18.21 8.68
N ALA B 83 24.67 18.95 9.37
CA ALA B 83 24.89 20.35 9.00
C ALA B 83 25.42 20.46 7.58
N LEU B 84 26.42 19.64 7.24
CA LEU B 84 27.02 19.74 5.91
C LEU B 84 26.02 19.42 4.83
N VAL B 85 25.22 18.37 5.02
CA VAL B 85 24.29 17.96 3.97
C VAL B 85 23.18 18.99 3.81
N VAL B 86 22.67 19.54 4.92
CA VAL B 86 21.63 20.55 4.78
C VAL B 86 22.18 21.80 4.13
N ALA B 87 23.43 22.18 4.45
CA ALA B 87 24.02 23.35 3.83
C ALA B 87 24.19 23.16 2.34
N ILE B 88 24.72 22.00 1.92
CA ILE B 88 24.91 21.74 0.50
C ILE B 88 23.57 21.72 -0.23
N ILE B 89 22.56 21.10 0.38
CA ILE B 89 21.25 21.02 -0.26
C ILE B 89 20.67 22.42 -0.46
N VAL B 90 20.74 23.27 0.57
CA VAL B 90 20.19 24.61 0.43
C VAL B 90 21.05 25.49 -0.46
N GLY B 91 22.32 25.13 -0.66
CA GLY B 91 23.25 26.00 -1.35
C GLY B 91 23.10 26.10 -2.85
N THR B 92 23.36 25.00 -3.55
CA THR B 92 23.45 25.04 -5.01
C THR B 92 22.09 25.37 -5.63
N PRO B 93 21.97 26.42 -6.44
CA PRO B 93 20.67 26.77 -7.00
C PRO B 93 20.12 25.74 -7.98
N ALA B 94 20.96 24.85 -8.49
CA ALA B 94 20.48 23.86 -9.45
C ALA B 94 19.71 22.72 -8.78
N PHE B 95 19.85 22.54 -7.48
CA PHE B 95 19.23 21.42 -6.76
C PHE B 95 17.90 21.81 -6.15
N ARG B 96 16.98 22.35 -6.95
CA ARG B 96 15.63 22.69 -6.49
C ARG B 96 14.57 21.78 -7.09
N ALA B 97 14.91 20.50 -7.29
CA ALA B 97 13.95 19.55 -7.81
C ALA B 97 12.82 19.32 -6.80
N PRO B 98 11.65 18.88 -7.26
CA PRO B 98 10.56 18.60 -6.31
C PRO B 98 10.93 17.57 -5.25
N MET B 99 11.71 16.55 -5.60
CA MET B 99 12.09 15.54 -4.63
C MET B 99 13.26 15.96 -3.76
N PHE B 100 13.95 17.05 -4.12
CA PHE B 100 15.01 17.57 -3.25
C PHE B 100 14.43 18.26 -2.03
N LEU B 101 13.22 18.82 -2.14
CA LEU B 101 12.62 19.51 -1.01
C LEU B 101 12.37 18.57 0.16
N LEU B 102 11.93 17.34 -0.13
CA LEU B 102 11.67 16.38 0.94
C LEU B 102 12.96 15.98 1.64
N VAL B 103 14.05 15.78 0.87
CA VAL B 103 15.33 15.48 1.48
C VAL B 103 15.79 16.62 2.35
N GLY B 104 15.59 17.86 1.90
CA GLY B 104 15.92 19.01 2.73
C GLY B 104 15.11 19.04 4.01
N SER B 105 13.82 18.70 3.92
CA SER B 105 12.98 18.68 5.11
C SER B 105 13.47 17.65 6.11
N LEU B 106 13.81 16.45 5.64
CA LEU B 106 14.34 15.43 6.52
C LEU B 106 15.65 15.87 7.16
N ALA B 107 16.52 16.50 6.37
CA ALA B 107 17.79 16.96 6.91
C ALA B 107 17.59 18.02 7.98
N VAL B 108 16.69 18.97 7.74
CA VAL B 108 16.46 20.02 8.73
C VAL B 108 15.84 19.44 9.99
N ALA B 109 14.98 18.44 9.84
CA ALA B 109 14.40 17.79 11.03
C ALA B 109 15.47 17.10 11.86
N ASP B 110 16.39 16.39 11.20
CA ASP B 110 17.44 15.71 11.95
C ASP B 110 18.38 16.71 12.62
N LEU B 111 18.70 17.81 11.94
CA LEU B 111 19.54 18.84 12.54
C LEU B 111 18.86 19.45 13.76
N LEU B 112 17.54 19.68 13.67
CA LEU B 112 16.80 20.20 14.80
C LEU B 112 16.84 19.21 15.96
N ALA B 113 16.72 17.91 15.66
CA ALA B 113 16.79 16.90 16.71
C ALA B 113 18.14 16.94 17.43
N GLY B 114 19.22 17.01 16.66
CA GLY B 114 20.54 17.05 17.27
C GLY B 114 20.74 18.28 18.12
N LEU B 115 20.32 19.44 17.62
CA LEU B 115 20.41 20.66 18.40
C LEU B 115 19.61 20.56 19.69
N GLY B 116 18.42 19.99 19.61
CA GLY B 116 17.61 19.83 20.81
C GLY B 116 18.27 18.93 21.83
N LEU B 117 18.87 17.83 21.38
CA LEU B 117 19.52 16.91 22.31
C LEU B 117 20.71 17.57 23.00
N VAL B 118 21.54 18.27 22.23
CA VAL B 118 22.71 18.89 22.85
C VAL B 118 22.28 20.01 23.79
N LEU B 119 21.24 20.76 23.41
CA LEU B 119 20.75 21.82 24.30
C LEU B 119 20.15 21.26 25.56
N HIS B 120 19.47 20.11 25.47
CA HIS B 120 18.92 19.49 26.67
C HIS B 120 20.02 19.02 27.61
N PHE B 121 21.07 18.39 27.07
CA PHE B 121 22.20 18.03 27.92
C PHE B 121 22.78 19.27 28.57
N ALA B 122 22.93 20.35 27.80
CA ALA B 122 23.42 21.60 28.38
C ALA B 122 22.53 22.06 29.52
N ALA B 123 21.20 22.00 29.33
CA ALA B 123 20.28 22.45 30.36
C ALA B 123 20.36 21.60 31.62
N VAL B 124 20.72 20.32 31.47
CA VAL B 124 20.85 19.45 32.62
C VAL B 124 22.28 19.54 33.16
N PHE B 125 23.04 20.51 32.67
CA PHE B 125 24.43 20.72 33.09
C PHE B 125 24.62 22.18 33.48
N CYS B 126 24.73 22.44 34.78
CA CYS B 126 25.10 23.75 35.33
C CYS B 126 24.18 24.88 34.87
N ILE B 127 22.93 24.56 34.55
CA ILE B 127 21.88 25.56 34.41
C ILE B 127 20.82 25.41 35.49
N GLY B 128 20.35 24.19 35.72
CA GLY B 128 19.38 23.94 36.77
C GLY B 128 18.06 24.66 36.55
N SER B 129 17.54 24.57 35.34
CA SER B 129 16.29 25.22 34.97
C SER B 129 15.21 24.17 34.73
N ALA B 130 13.96 24.53 35.04
CA ALA B 130 12.84 23.63 34.91
C ALA B 130 12.07 23.81 33.60
N GLU B 131 11.70 25.06 33.28
CA GLU B 131 10.91 25.29 32.06
C GLU B 131 11.71 24.96 30.81
N MET B 132 13.01 25.29 30.80
CA MET B 132 13.83 25.04 29.62
C MET B 132 13.93 23.56 29.32
N SER B 133 14.06 22.73 30.35
CA SER B 133 14.09 21.28 30.11
C SER B 133 12.77 20.80 29.51
N LEU B 134 11.66 21.35 29.99
CA LEU B 134 10.35 20.97 29.45
C LEU B 134 10.25 21.31 27.98
N VAL B 135 10.57 22.56 27.61
CA VAL B 135 10.44 22.93 26.20
C VAL B 135 11.45 22.17 25.35
N LEU B 136 12.60 21.81 25.91
CA LEU B 136 13.59 21.06 25.14
C LEU B 136 13.12 19.64 24.86
N VAL B 137 12.54 18.96 25.86
CA VAL B 137 12.02 17.63 25.57
C VAL B 137 10.85 17.72 24.59
N GLY B 138 10.05 18.79 24.68
CA GLY B 138 8.98 18.97 23.71
C GLY B 138 9.50 19.11 22.29
N VAL B 139 10.52 19.95 22.10
CA VAL B 139 11.06 20.14 20.76
C VAL B 139 11.76 18.88 20.28
N LEU B 140 12.30 18.08 21.20
CA LEU B 140 12.87 16.80 20.81
C LEU B 140 11.79 15.88 20.21
N ALA B 141 10.65 15.79 20.88
CA ALA B 141 9.56 14.99 20.34
C ALA B 141 9.09 15.54 19.00
N MET B 142 8.98 16.86 18.91
CA MET B 142 8.73 17.55 17.65
C MET B 142 9.62 17.02 16.54
N ALA B 143 10.94 17.06 16.78
CA ALA B 143 11.89 16.71 15.74
C ALA B 143 11.79 15.24 15.34
N PHE B 144 11.61 14.35 16.31
CA PHE B 144 11.53 12.93 15.95
C PHE B 144 10.28 12.64 15.11
N THR B 145 9.15 13.23 15.49
CA THR B 145 7.94 13.03 14.69
C THR B 145 8.14 13.59 13.27
N ALA B 146 8.77 14.76 13.17
CA ALA B 146 9.04 15.33 11.86
C ALA B 146 9.92 14.41 11.02
N SER B 147 10.92 13.79 11.65
CA SER B 147 11.83 12.90 10.92
C SER B 147 11.08 11.70 10.35
N ILE B 148 10.27 11.03 11.16
CA ILE B 148 9.57 9.85 10.64
C ILE B 148 8.57 10.25 9.55
N GLY B 149 7.89 11.38 9.74
CA GLY B 149 6.98 11.85 8.70
C GLY B 149 7.69 12.15 7.40
N SER B 150 8.88 12.76 7.48
CA SER B 150 9.64 13.07 6.28
C SER B 150 10.06 11.79 5.56
N LEU B 151 10.44 10.77 6.32
CA LEU B 151 10.79 9.49 5.69
C LEU B 151 9.59 8.91 4.92
N LEU B 152 8.41 8.94 5.55
CA LEU B 152 7.22 8.42 4.87
C LEU B 152 6.92 9.23 3.61
N ALA B 153 7.05 10.55 3.68
CA ALA B 153 6.81 11.37 2.50
C ALA B 153 7.79 11.04 1.38
N ILE B 154 9.06 10.82 1.73
CA ILE B 154 10.06 10.49 0.72
C ILE B 154 9.69 9.18 0.02
N THR B 155 9.30 8.17 0.79
CA THR B 155 9.01 6.89 0.16
C THR B 155 7.76 6.97 -0.71
N VAL B 156 6.74 7.73 -0.29
CA VAL B 156 5.55 7.82 -1.11
C VAL B 156 5.85 8.58 -2.40
N ASP B 157 6.70 9.60 -2.32
CA ASP B 157 7.10 10.32 -3.52
C ASP B 157 7.82 9.38 -4.49
N ARG B 158 8.74 8.57 -3.98
CA ARG B 158 9.46 7.64 -4.85
C ARG B 158 8.52 6.65 -5.49
N TYR B 159 7.57 6.10 -4.74
CA TYR B 159 6.65 5.13 -5.30
C TYR B 159 5.79 5.74 -6.39
N LEU B 160 5.24 6.93 -6.14
CA LEU B 160 4.41 7.56 -7.17
C LEU B 160 5.24 7.92 -8.40
N SER B 161 6.49 8.32 -8.20
CA SER B 161 7.35 8.62 -9.34
C SER B 161 7.59 7.38 -10.18
N LEU B 162 7.85 6.24 -9.54
CA LEU B 162 8.13 5.01 -10.29
C LEU B 162 6.87 4.33 -10.80
N TYR B 163 5.69 4.72 -10.32
CA TYR B 163 4.46 4.10 -10.80
C TYR B 163 4.19 4.47 -12.25
N ASN B 164 4.06 5.77 -12.52
CA ASN B 164 3.92 6.29 -13.87
C ASN B 164 5.07 7.25 -14.15
N ALA B 165 5.63 7.17 -15.35
CA ALA B 165 6.76 8.01 -15.72
C ALA B 165 6.38 9.18 -16.61
N LEU B 166 5.27 9.07 -17.36
CA LEU B 166 4.89 10.12 -18.28
C LEU B 166 4.36 11.36 -17.56
N THR B 167 3.49 11.15 -16.57
CA THR B 167 2.79 12.25 -15.90
C THR B 167 3.47 12.69 -14.61
N TYR B 168 4.63 12.13 -14.28
CA TYR B 168 5.30 12.50 -13.03
C TYR B 168 5.75 13.95 -13.04
N TYR B 169 6.29 14.42 -14.16
CA TYR B 169 6.81 15.79 -14.26
C TYR B 169 5.69 16.71 -14.71
N SER B 170 5.05 17.35 -13.73
CA SER B 170 3.96 18.29 -14.00
C SER B 170 3.78 19.16 -12.76
N GLU B 171 2.70 19.95 -12.75
CA GLU B 171 2.35 20.72 -11.57
C GLU B 171 1.66 19.87 -10.51
N THR B 172 1.09 18.72 -10.91
CA THR B 172 0.38 17.88 -9.95
C THR B 172 1.32 17.38 -8.86
N THR B 173 2.54 16.98 -9.24
CA THR B 173 3.51 16.57 -8.22
C THR B 173 3.92 17.76 -7.35
N VAL B 174 3.87 18.97 -7.88
CA VAL B 174 4.17 20.14 -7.06
C VAL B 174 3.10 20.34 -6.00
N THR B 175 1.82 20.24 -6.39
CA THR B 175 0.76 20.32 -5.39
C THR B 175 0.88 19.20 -4.37
N ARG B 176 1.19 17.98 -4.84
CA ARG B 176 1.35 16.85 -3.94
C ARG B 176 2.48 17.11 -2.94
N THR B 177 3.61 17.63 -3.42
CA THR B 177 4.74 17.90 -2.55
C THR B 177 4.38 18.95 -1.50
N TYR B 178 3.73 20.03 -1.92
CA TYR B 178 3.34 21.07 -0.97
C TYR B 178 2.37 20.52 0.07
N VAL B 179 1.39 19.74 -0.36
CA VAL B 179 0.41 19.18 0.57
C VAL B 179 1.09 18.24 1.55
N MET B 180 1.99 17.39 1.07
CA MET B 180 2.68 16.45 1.95
C MET B 180 3.53 17.17 2.98
N LEU B 181 4.29 18.17 2.55
CA LEU B 181 5.13 18.90 3.48
C LEU B 181 4.29 19.60 4.55
N ALA B 182 3.23 20.29 4.11
CA ALA B 182 2.37 20.97 5.07
C ALA B 182 1.75 19.98 6.03
N LEU B 183 1.27 18.83 5.53
CA LEU B 183 0.62 17.87 6.40
C LEU B 183 1.59 17.27 7.41
N VAL B 184 2.79 16.92 6.99
CA VAL B 184 3.72 16.27 7.92
C VAL B 184 4.15 17.25 9.00
N TRP B 185 4.47 18.49 8.63
CA TRP B 185 4.89 19.42 9.67
C TRP B 185 3.73 19.87 10.54
N GLY B 186 2.51 19.94 9.99
CA GLY B 186 1.36 20.25 10.82
C GLY B 186 1.03 19.15 11.81
N GLY B 187 1.15 17.90 11.38
CA GLY B 187 0.99 16.79 12.32
C GLY B 187 2.07 16.81 13.38
N ALA B 188 3.29 17.19 13.00
CA ALA B 188 4.35 17.34 13.99
C ALA B 188 3.99 18.42 15.01
N LEU B 189 3.42 19.53 14.54
CA LEU B 189 2.94 20.56 15.45
C LEU B 189 1.85 20.04 16.37
N GLY B 190 0.90 19.28 15.82
CA GLY B 190 -0.24 18.84 16.60
C GLY B 190 0.07 17.76 17.61
N LEU B 191 1.07 16.92 17.33
CA LEU B 191 1.44 15.84 18.23
C LEU B 191 2.79 16.08 18.90
N GLY B 192 3.34 17.28 18.75
CA GLY B 192 4.64 17.60 19.34
C GLY B 192 4.56 18.61 20.46
N LEU B 193 4.83 19.88 20.13
CA LEU B 193 4.86 20.92 21.15
C LEU B 193 3.49 21.11 21.81
N LEU B 194 2.42 21.05 21.01
CA LEU B 194 1.10 21.35 21.55
C LEU B 194 0.67 20.38 22.64
N PRO B 195 0.83 19.06 22.51
CA PRO B 195 0.44 18.19 23.63
C PRO B 195 1.42 18.25 24.80
N VAL B 196 2.69 18.59 24.56
CA VAL B 196 3.67 18.50 25.63
C VAL B 196 3.60 19.72 26.53
N LEU B 197 3.26 20.89 26.00
CA LEU B 197 3.12 22.08 26.83
C LEU B 197 1.72 22.19 27.39
N ALA B 198 1.24 21.06 27.90
CA ALA B 198 -0.05 20.87 28.55
C ALA B 198 -0.10 19.41 28.94
N TRP B 199 -1.09 19.06 29.76
CA TRP B 199 -1.42 17.66 30.00
C TRP B 199 -0.20 16.87 30.48
N ASN B 200 0.63 17.51 31.29
CA ASN B 200 1.94 17.01 31.66
C ASN B 200 1.91 16.34 33.04
N CYS B 201 3.09 15.99 33.54
CA CYS B 201 3.23 15.28 34.81
C CYS B 201 3.67 16.17 35.96
N LEU B 202 4.28 17.33 35.69
CA LEU B 202 4.76 18.21 36.75
C LEU B 202 3.60 18.98 37.38
N ASP B 203 2.63 18.20 37.85
CA ASP B 203 1.38 18.71 38.40
C ASP B 203 0.81 17.61 39.29
N GLY B 204 -0.49 17.69 39.58
CA GLY B 204 -1.17 16.64 40.31
C GLY B 204 -1.03 15.28 39.69
N LEU B 205 -1.58 14.25 40.33
CA LEU B 205 -1.36 12.87 39.91
C LEU B 205 -1.83 12.64 38.48
N THR B 206 -0.88 12.36 37.58
CA THR B 206 -1.17 11.96 36.22
C THR B 206 -0.60 10.61 35.84
N THR B 207 0.19 9.97 36.70
CA THR B 207 0.83 8.69 36.40
C THR B 207 1.63 8.77 35.11
N CYS B 208 2.55 9.73 35.06
CA CYS B 208 3.35 9.91 33.87
C CYS B 208 4.21 8.68 33.60
N GLY B 209 4.38 8.35 32.33
CA GLY B 209 4.96 7.09 31.91
C GLY B 209 6.46 6.99 32.00
N VAL B 210 7.05 6.35 31.00
CA VAL B 210 8.46 5.95 31.08
C VAL B 210 9.37 7.16 31.07
N VAL B 211 9.14 8.10 30.15
CA VAL B 211 10.01 9.26 29.99
C VAL B 211 9.47 10.40 30.85
N TYR B 212 10.35 10.99 31.65
CA TYR B 212 9.96 12.02 32.59
C TYR B 212 10.23 13.39 32.00
N PRO B 213 9.23 14.27 31.86
CA PRO B 213 7.81 14.04 32.12
C PRO B 213 6.99 13.81 30.85
N LEU B 214 6.30 12.68 30.76
CA LEU B 214 5.39 12.40 29.66
C LEU B 214 4.24 11.58 30.19
N SER B 215 3.01 11.99 29.88
CA SER B 215 1.85 11.23 30.31
C SER B 215 1.77 9.90 29.56
N LYS B 216 1.09 8.94 30.18
CA LYS B 216 0.92 7.63 29.56
C LYS B 216 0.13 7.73 28.28
N ASN B 217 -0.94 8.53 28.28
CA ASN B 217 -1.83 8.60 27.12
C ASN B 217 -1.11 9.18 25.91
N HIS B 218 -0.29 10.21 26.11
CA HIS B 218 0.45 10.80 25.01
C HIS B 218 1.39 9.79 24.37
N LEU B 219 2.11 9.03 25.19
CA LEU B 219 3.02 8.02 24.66
C LEU B 219 2.27 6.92 23.92
N VAL B 220 1.11 6.51 24.44
CA VAL B 220 0.32 5.49 23.76
C VAL B 220 -0.14 5.99 22.39
N VAL B 221 -0.59 7.25 22.32
CA VAL B 221 -1.03 7.81 21.05
C VAL B 221 0.13 7.85 20.07
N LEU B 222 1.30 8.27 20.53
CA LEU B 222 2.48 8.29 19.66
C LEU B 222 2.81 6.90 19.13
N ALA B 223 2.73 5.88 20.00
CA ALA B 223 3.04 4.53 19.57
C ALA B 223 2.04 4.04 18.53
N ILE B 224 0.76 4.36 18.71
CA ILE B 224 -0.26 3.95 17.74
C ILE B 224 0.01 4.57 16.39
N ALA B 225 0.33 5.87 16.38
CA ALA B 225 0.66 6.54 15.12
C ALA B 225 1.87 5.88 14.46
N PHE B 226 2.88 5.54 15.27
CA PHE B 226 4.09 4.94 14.71
C PHE B 226 3.77 3.59 14.06
N PHE B 227 2.91 2.79 14.68
CA PHE B 227 2.61 1.48 14.11
C PHE B 227 1.80 1.61 12.82
N MET B 228 0.88 2.58 12.77
CA MET B 228 0.17 2.81 11.51
C MET B 228 1.14 3.21 10.40
N VAL B 229 2.09 4.10 10.73
CA VAL B 229 3.08 4.52 9.74
C VAL B 229 3.93 3.33 9.29
N PHE B 230 4.26 2.44 10.22
CA PHE B 230 5.04 1.26 9.87
C PHE B 230 4.29 0.37 8.88
N GLY B 231 2.99 0.19 9.11
CA GLY B 231 2.19 -0.58 8.16
C GLY B 231 2.18 0.04 6.78
N ILE B 232 1.99 1.36 6.71
CA ILE B 232 2.00 2.05 5.42
C ILE B 232 3.32 1.81 4.71
N MET B 233 4.43 1.98 5.44
CA MET B 233 5.76 1.79 4.85
C MET B 233 5.94 0.37 4.34
N LEU B 234 5.48 -0.62 5.11
CA LEU B 234 5.65 -2.01 4.71
C LEU B 234 4.93 -2.28 3.40
N GLN B 235 3.69 -1.81 3.29
CA GLN B 235 2.93 -2.09 2.07
C GLN B 235 3.56 -1.36 0.88
N LEU B 236 4.02 -0.12 1.10
CA LEU B 236 4.68 0.62 0.02
C LEU B 236 5.91 -0.12 -0.48
N TYR B 237 6.74 -0.61 0.44
CA TYR B 237 7.97 -1.27 0.01
C TYR B 237 7.68 -2.59 -0.67
N ALA B 238 6.63 -3.30 -0.24
CA ALA B 238 6.22 -4.50 -0.95
C ALA B 238 5.85 -4.17 -2.39
N GLN B 239 5.07 -3.11 -2.60
CA GLN B 239 4.69 -2.75 -3.96
C GLN B 239 5.91 -2.37 -4.80
N ILE B 240 6.82 -1.58 -4.23
CA ILE B 240 7.96 -1.13 -5.02
C ILE B 240 8.88 -2.31 -5.36
N CYS B 241 9.05 -3.24 -4.43
CA CYS B 241 9.88 -4.41 -4.71
C CYS B 241 9.23 -5.30 -5.76
N ARG B 242 7.90 -5.41 -5.72
CA ARG B 242 7.20 -6.16 -6.77
C ARG B 242 7.39 -5.51 -8.13
N ILE B 243 7.35 -4.19 -8.19
CA ILE B 243 7.31 -3.50 -9.48
C ILE B 243 8.71 -3.28 -10.06
N VAL B 244 9.76 -3.40 -9.23
CA VAL B 244 11.12 -3.28 -9.74
C VAL B 244 11.69 -4.63 -10.17
N CYS B 245 11.05 -5.73 -9.80
CA CYS B 245 11.51 -7.06 -10.18
C CYS B 245 10.81 -7.45 -11.48
N ARG B 246 10.85 -6.52 -12.44
CA ARG B 246 10.40 -6.80 -13.80
C ARG B 246 11.45 -6.24 -14.74
N HIS B 247 12.20 -5.27 -14.27
CA HIS B 247 13.37 -4.75 -14.98
C HIS B 247 14.62 -5.56 -14.69
N ALA B 248 14.45 -6.74 -14.08
CA ALA B 248 15.57 -7.63 -13.79
C ALA B 248 15.38 -8.93 -14.55
N ALA B 265 22.17 -8.29 -10.54
CA ALA B 265 20.81 -8.35 -11.07
C ALA B 265 19.77 -8.22 -9.97
N THR B 266 19.03 -9.30 -9.73
CA THR B 266 18.01 -9.29 -8.67
C THR B 266 18.62 -9.19 -7.28
N ARG B 267 19.85 -9.68 -7.10
CA ARG B 267 20.46 -9.68 -5.77
C ARG B 267 20.62 -8.27 -5.23
N LYS B 268 21.12 -7.35 -6.06
CA LYS B 268 21.33 -5.97 -5.61
C LYS B 268 20.01 -5.33 -5.19
N GLY B 269 18.97 -5.48 -6.02
CA GLY B 269 17.69 -4.88 -5.70
C GLY B 269 17.07 -5.46 -4.45
N ILE B 270 17.07 -6.79 -4.32
CA ILE B 270 16.45 -7.39 -3.15
C ILE B 270 17.24 -7.05 -1.89
N ALA B 271 18.57 -6.99 -1.98
CA ALA B 271 19.37 -6.60 -0.83
C ALA B 271 19.06 -5.17 -0.43
N THR B 272 18.95 -4.26 -1.40
CA THR B 272 18.66 -2.88 -1.07
C THR B 272 17.29 -2.75 -0.41
N LEU B 273 16.26 -3.36 -1.01
CA LEU B 273 14.91 -3.22 -0.50
C LEU B 273 14.65 -4.07 0.74
N ALA B 274 15.58 -4.94 1.12
CA ALA B 274 15.48 -5.65 2.39
C ALA B 274 16.37 -5.05 3.47
N VAL B 275 17.35 -4.23 3.12
CA VAL B 275 18.21 -3.59 4.11
C VAL B 275 17.69 -2.21 4.50
N VAL B 276 17.24 -1.41 3.53
CA VAL B 276 16.78 -0.06 3.88
C VAL B 276 15.49 -0.12 4.70
N LEU B 277 14.70 -1.18 4.53
CA LEU B 277 13.54 -1.35 5.41
C LEU B 277 13.92 -1.76 6.82
N GLY B 278 14.83 -2.72 6.96
CA GLY B 278 15.25 -3.17 8.26
C GLY B 278 16.02 -2.11 9.03
N ALA B 279 16.65 -1.19 8.31
CA ALA B 279 17.36 -0.10 8.97
C ALA B 279 16.41 0.75 9.80
N PHE B 280 15.23 1.07 9.24
CA PHE B 280 14.24 1.82 9.98
C PHE B 280 13.40 0.94 10.90
N ALA B 281 13.28 -0.35 10.59
CA ALA B 281 12.48 -1.25 11.40
C ALA B 281 13.17 -1.72 12.67
N ALA B 282 14.49 -1.78 12.68
CA ALA B 282 15.24 -2.34 13.80
C ALA B 282 15.89 -1.28 14.67
N CYS B 283 15.84 -0.01 14.28
CA CYS B 283 16.41 1.06 15.07
C CYS B 283 15.36 1.93 15.75
N TRP B 284 14.10 1.81 15.37
CA TRP B 284 13.03 2.56 16.00
C TRP B 284 12.04 1.68 16.75
N LEU B 285 12.26 0.38 16.81
CA LEU B 285 11.34 -0.44 17.56
C LEU B 285 12.06 -1.27 18.62
N PRO B 286 13.08 -0.72 19.30
CA PRO B 286 13.32 -1.12 20.69
C PRO B 286 12.43 -0.36 21.65
N PHE B 287 12.05 0.86 21.26
CA PHE B 287 11.46 1.84 22.17
C PHE B 287 9.94 1.80 22.19
N THR B 288 9.29 1.80 21.02
CA THR B 288 7.84 1.87 21.00
C THR B 288 7.18 0.63 21.60
N VAL B 289 7.94 -0.44 21.80
CA VAL B 289 7.41 -1.58 22.55
C VAL B 289 7.55 -1.34 24.05
N TYR B 290 8.67 -0.74 24.47
CA TYR B 290 8.81 -0.35 25.87
C TYR B 290 7.78 0.72 26.25
N CYS B 291 7.26 1.42 25.25
CA CYS B 291 6.26 2.45 25.52
C CYS B 291 5.02 1.88 26.20
N LEU B 292 4.72 0.60 25.97
CA LEU B 292 3.51 -0.02 26.49
C LEU B 292 3.78 -0.90 27.72
N LEU B 293 4.71 -1.85 27.60
CA LEU B 293 4.99 -2.78 28.69
C LEU B 293 5.96 -2.14 29.69
N GLY B 294 5.42 -1.26 30.52
CA GLY B 294 6.24 -0.62 31.53
C GLY B 294 5.41 0.38 32.31
N ASP B 295 6.01 0.86 33.39
CA ASP B 295 5.39 1.87 34.24
C ASP B 295 6.47 2.69 34.93
N ALA B 296 6.05 3.58 35.83
CA ALA B 296 7.00 4.46 36.49
C ALA B 296 8.00 3.68 37.33
N HIS B 297 7.51 2.68 38.08
CA HIS B 297 8.38 1.88 38.94
C HIS B 297 9.13 0.85 38.08
N SER B 298 10.02 1.36 37.25
CA SER B 298 10.80 0.59 36.32
C SER B 298 12.28 0.94 36.47
N PRO B 299 13.17 -0.02 36.25
CA PRO B 299 14.60 0.28 36.39
C PRO B 299 15.02 1.33 35.38
N PRO B 300 15.98 2.18 35.72
CA PRO B 300 16.40 3.25 34.82
C PRO B 300 17.39 2.84 33.75
N LEU B 301 17.99 1.65 33.87
CA LEU B 301 18.90 1.18 32.83
C LEU B 301 18.16 0.79 31.55
N TYR B 302 16.92 0.32 31.68
CA TYR B 302 16.18 -0.17 30.53
C TYR B 302 15.69 0.94 29.61
N THR B 303 15.66 2.19 30.08
CA THR B 303 15.23 3.31 29.27
C THR B 303 16.38 4.00 28.56
N TYR B 304 17.49 4.24 29.26
CA TYR B 304 18.61 4.93 28.65
C TYR B 304 19.27 4.10 27.56
N LEU B 305 19.03 2.80 27.52
CA LEU B 305 19.61 1.93 26.51
C LEU B 305 18.79 1.89 25.24
N THR B 306 17.46 1.81 25.36
CA THR B 306 16.61 1.72 24.19
C THR B 306 16.51 3.04 23.43
N LEU B 307 16.92 4.15 24.02
CA LEU B 307 16.86 5.42 23.32
C LEU B 307 18.06 5.67 22.41
N LEU B 308 19.15 4.91 22.59
CA LEU B 308 20.30 5.05 21.69
C LEU B 308 19.99 4.69 20.24
N PRO B 309 19.26 3.61 19.94
CA PRO B 309 18.98 3.30 18.53
C PRO B 309 18.27 4.41 17.77
N ALA B 310 17.45 5.22 18.44
CA ALA B 310 16.81 6.33 17.76
C ALA B 310 17.85 7.31 17.23
N THR B 311 18.82 7.68 18.07
CA THR B 311 19.88 8.59 17.64
C THR B 311 20.75 7.93 16.59
N TYR B 312 20.99 6.62 16.72
CA TYR B 312 21.77 5.92 15.71
C TYR B 312 21.08 5.97 14.35
N ASN B 313 19.76 5.75 14.33
CA ASN B 313 19.03 5.86 13.07
C ASN B 313 19.07 7.28 12.54
N SER B 314 18.99 8.28 13.43
CA SER B 314 19.10 9.66 12.98
C SER B 314 20.44 9.91 12.31
N MET B 315 21.51 9.31 12.82
CA MET B 315 22.82 9.49 12.22
C MET B 315 23.01 8.67 10.95
N ILE B 316 22.30 7.53 10.83
CA ILE B 316 22.48 6.66 9.68
C ILE B 316 21.62 7.12 8.51
N ASN B 317 20.49 7.78 8.79
CA ASN B 317 19.55 8.20 7.75
C ASN B 317 20.18 9.05 6.66
N PRO B 318 20.97 10.10 6.95
CA PRO B 318 21.49 10.94 5.85
C PRO B 318 22.59 10.29 5.04
N ILE B 319 22.83 8.99 5.21
CA ILE B 319 23.75 8.28 4.35
C ILE B 319 23.01 7.40 3.35
N ILE B 320 21.82 6.92 3.68
CA ILE B 320 21.10 5.98 2.85
C ILE B 320 20.31 6.72 1.79
N TYR B 321 19.36 7.56 2.21
CA TYR B 321 18.49 8.23 1.24
C TYR B 321 19.21 9.38 0.55
N ALA B 322 20.01 10.14 1.29
CA ALA B 322 20.87 11.15 0.71
C ALA B 322 22.29 10.61 0.62
N PHE B 323 23.20 11.44 0.08
CA PHE B 323 24.62 11.12 0.00
C PHE B 323 24.90 9.90 -0.87
N ARG B 324 23.87 9.36 -1.53
CA ARG B 324 24.02 8.21 -2.41
C ARG B 324 23.88 8.55 -3.88
N ASN B 325 23.04 9.53 -4.23
CA ASN B 325 22.95 9.97 -5.60
C ASN B 325 24.26 10.62 -6.03
N GLN B 326 24.50 10.66 -7.34
CA GLN B 326 25.83 10.98 -7.84
C GLN B 326 26.12 12.47 -7.95
N ASP B 327 25.11 13.31 -8.25
CA ASP B 327 25.40 14.73 -8.42
C ASP B 327 25.84 15.36 -7.09
N VAL B 328 25.27 14.89 -5.98
CA VAL B 328 25.75 15.32 -4.67
C VAL B 328 27.21 14.93 -4.50
N GLN B 329 27.57 13.73 -4.97
CA GLN B 329 28.97 13.32 -4.92
C GLN B 329 29.85 14.24 -5.76
N LYS B 330 29.37 14.64 -6.93
CA LYS B 330 30.16 15.53 -7.78
C LYS B 330 30.38 16.88 -7.11
N VAL B 331 29.34 17.46 -6.53
CA VAL B 331 29.51 18.77 -5.90
C VAL B 331 30.38 18.65 -4.66
N LEU B 332 30.28 17.52 -3.95
CA LEU B 332 31.17 17.29 -2.81
C LEU B 332 32.63 17.23 -3.26
N TRP B 333 32.91 16.49 -4.33
CA TRP B 333 34.27 16.39 -4.82
C TRP B 333 34.77 17.75 -5.30
N ALA B 334 33.89 18.53 -5.92
CA ALA B 334 34.27 19.89 -6.31
C ALA B 334 34.62 20.73 -5.09
N VAL B 335 33.83 20.61 -4.02
CA VAL B 335 34.17 21.29 -2.77
C VAL B 335 35.46 20.70 -2.19
N CYS B 336 35.56 19.37 -2.18
CA CYS B 336 36.73 18.70 -1.63
C CYS B 336 37.79 18.48 -2.70
N MET B 375 14.13 -9.39 -14.66
CA MET B 375 13.84 -10.57 -15.45
C MET B 375 14.02 -10.26 -16.93
N ILE B 376 14.17 -8.98 -17.26
CA ILE B 376 14.40 -8.54 -18.62
C ILE B 376 15.83 -8.05 -18.80
N GLU B 377 16.40 -7.43 -17.77
CA GLU B 377 17.81 -7.07 -17.76
C GLU B 377 18.69 -8.31 -17.96
N GLU B 378 18.38 -9.37 -17.22
CA GLU B 378 19.10 -10.63 -17.36
C GLU B 378 18.99 -11.21 -18.76
N THR B 379 17.79 -11.24 -19.34
CA THR B 379 17.62 -11.78 -20.67
C THR B 379 18.38 -10.94 -21.70
N ALA B 380 18.30 -9.62 -21.58
CA ALA B 380 18.97 -8.71 -22.48
C ALA B 380 20.49 -8.83 -22.42
N LYS B 381 21.05 -9.00 -21.22
CA LYS B 381 22.50 -9.16 -21.14
C LYS B 381 22.93 -10.56 -21.58
N LYS B 382 22.07 -11.56 -21.38
CA LYS B 382 22.36 -12.89 -21.88
C LYS B 382 22.42 -12.88 -23.41
N VAL B 383 21.47 -12.20 -24.05
CA VAL B 383 21.50 -12.09 -25.50
C VAL B 383 22.75 -11.35 -25.95
N LYS B 384 23.12 -10.29 -25.23
CA LYS B 384 24.30 -9.50 -25.61
C LYS B 384 25.56 -10.34 -25.50
N GLU B 385 25.68 -11.17 -24.46
CA GLU B 385 26.86 -12.01 -24.31
C GLU B 385 26.95 -13.04 -25.42
N LEU B 386 25.82 -13.54 -25.91
CA LEU B 386 25.84 -14.52 -26.99
C LEU B 386 26.32 -13.93 -28.30
N GLY B 387 26.43 -12.61 -28.41
CA GLY B 387 26.88 -11.97 -29.63
C GLY B 387 25.81 -11.64 -30.63
N PHE B 388 24.55 -12.02 -30.38
CA PHE B 388 23.46 -11.68 -31.26
C PHE B 388 23.19 -10.18 -31.22
N LYS B 389 23.08 -9.57 -32.40
CA LYS B 389 22.73 -8.16 -32.50
C LYS B 389 21.27 -7.91 -32.86
N LYS B 390 20.51 -8.96 -33.21
CA LYS B 390 19.14 -8.77 -33.63
C LYS B 390 18.31 -9.87 -32.96
N ALA B 391 17.21 -9.48 -32.32
CA ALA B 391 16.27 -10.41 -31.71
C ALA B 391 14.86 -10.06 -32.16
N GLY B 392 14.00 -11.08 -32.24
CA GLY B 392 12.60 -10.88 -32.52
C GLY B 392 11.77 -11.17 -31.28
N LEU B 393 10.61 -10.52 -31.18
CA LEU B 393 9.78 -10.59 -29.99
C LEU B 393 8.39 -11.12 -30.32
N LEU B 394 7.87 -11.98 -29.44
CA LEU B 394 6.47 -12.39 -29.48
C LEU B 394 5.87 -12.12 -28.11
N ALA B 395 4.93 -11.19 -28.02
CA ALA B 395 4.29 -10.85 -26.75
C ALA B 395 2.97 -10.14 -27.05
N THR B 396 2.33 -9.67 -25.98
CA THR B 396 1.03 -9.02 -26.11
C THR B 396 1.19 -7.62 -26.69
N THR B 397 0.06 -7.07 -27.16
CA THR B 397 0.08 -5.74 -27.77
C THR B 397 0.48 -4.68 -26.76
N GLY B 398 -0.05 -4.76 -25.54
CA GLY B 398 0.34 -3.80 -24.52
C GLY B 398 1.82 -3.85 -24.25
N THR B 399 2.40 -5.05 -24.20
CA THR B 399 3.82 -5.18 -23.91
C THR B 399 4.68 -4.55 -25.00
N ILE B 400 4.35 -4.82 -26.27
CA ILE B 400 5.16 -4.26 -27.34
C ILE B 400 5.01 -2.75 -27.39
N VAL B 401 3.80 -2.25 -27.13
CA VAL B 401 3.60 -0.81 -27.13
C VAL B 401 4.35 -0.16 -25.97
N SER B 402 4.45 -0.85 -24.84
CA SER B 402 4.90 -0.24 -23.60
C SER B 402 6.31 0.35 -23.68
N GLY B 403 7.12 -0.10 -24.63
CA GLY B 403 8.44 0.48 -24.80
C GLY B 403 9.49 -0.01 -23.83
N VAL B 404 9.23 -1.10 -23.11
CA VAL B 404 10.21 -1.59 -22.15
C VAL B 404 11.29 -2.40 -22.85
N TYR B 405 10.90 -3.33 -23.72
CA TYR B 405 11.86 -4.29 -24.27
C TYR B 405 12.89 -3.60 -25.13
N GLU B 406 12.45 -2.71 -26.02
CA GLU B 406 13.38 -2.01 -26.90
C GLU B 406 14.32 -1.12 -26.10
N LYS B 407 13.79 -0.44 -25.07
CA LYS B 407 14.66 0.40 -24.24
C LYS B 407 15.73 -0.44 -23.54
N GLU B 408 15.32 -1.56 -22.95
CA GLU B 408 16.28 -2.39 -22.22
C GLU B 408 17.33 -2.96 -23.15
N PHE B 409 16.94 -3.40 -24.34
CA PHE B 409 17.93 -4.02 -25.23
C PHE B 409 18.77 -2.97 -25.95
N SER B 410 18.24 -1.75 -26.11
CA SER B 410 19.05 -0.66 -26.64
C SER B 410 20.05 -0.18 -25.61
N LYS B 411 19.77 -0.42 -24.32
CA LYS B 411 20.79 -0.18 -23.30
C LYS B 411 22.04 -1.03 -23.53
N TYR B 412 21.91 -2.13 -24.27
CA TYR B 412 23.04 -2.98 -24.61
C TYR B 412 23.32 -3.03 -26.10
N GLY B 413 22.62 -2.22 -26.90
CA GLY B 413 22.85 -2.21 -28.33
C GLY B 413 22.23 -3.36 -29.11
N VAL B 414 21.20 -4.00 -28.56
CA VAL B 414 20.50 -5.09 -29.24
C VAL B 414 19.17 -4.56 -29.77
N GLU B 415 18.83 -4.97 -31.00
CA GLU B 415 17.65 -4.45 -31.70
C GLU B 415 16.54 -5.50 -31.70
N ILE B 416 15.35 -5.10 -31.27
CA ILE B 416 14.20 -6.00 -31.17
C ILE B 416 13.24 -5.67 -32.29
N MET B 417 12.80 -6.70 -33.01
CA MET B 417 11.83 -6.57 -34.09
C MET B 417 10.50 -7.14 -33.64
N THR B 418 9.43 -6.38 -33.88
CA THR B 418 8.10 -6.84 -33.58
C THR B 418 7.30 -6.99 -34.87
N PRO B 419 6.47 -8.02 -34.97
CA PRO B 419 5.71 -8.24 -36.21
C PRO B 419 4.79 -7.08 -36.53
N THR B 420 4.31 -7.06 -37.77
CA THR B 420 3.44 -5.98 -38.19
C THR B 420 2.06 -6.12 -37.54
N GLU B 421 1.29 -5.03 -37.60
CA GLU B 421 0.07 -4.92 -36.81
C GLU B 421 -0.88 -6.08 -37.09
N ASP B 422 -1.01 -6.49 -38.35
CA ASP B 422 -1.84 -7.65 -38.65
C ASP B 422 -1.29 -8.91 -38.00
N GLU B 423 0.02 -9.12 -38.10
CA GLU B 423 0.61 -10.27 -37.42
C GLU B 423 0.62 -10.09 -35.91
N GLN B 424 0.64 -8.84 -35.42
CA GLN B 424 0.44 -8.62 -34.00
C GLN B 424 -0.93 -9.11 -33.55
N LYS B 425 -1.98 -8.78 -34.32
CA LYS B 425 -3.31 -9.28 -33.99
C LYS B 425 -3.37 -10.79 -34.10
N ASP B 426 -2.66 -11.36 -35.08
CA ASP B 426 -2.60 -12.81 -35.20
C ASP B 426 -1.98 -13.43 -33.95
N VAL B 427 -0.90 -12.83 -33.44
CA VAL B 427 -0.29 -13.32 -32.21
C VAL B 427 -1.25 -13.11 -31.03
N MET B 428 -2.01 -12.02 -31.05
CA MET B 428 -3.01 -11.77 -30.03
C MET B 428 -4.00 -12.92 -29.96
N ARG B 429 -4.54 -13.31 -31.11
CA ARG B 429 -5.44 -14.46 -31.17
C ARG B 429 -4.73 -15.74 -30.74
N GLY B 430 -3.52 -15.97 -31.24
CA GLY B 430 -2.83 -17.20 -30.93
C GLY B 430 -2.57 -17.38 -29.45
N ILE B 431 -2.30 -16.27 -28.75
CA ILE B 431 -2.09 -16.34 -27.31
C ILE B 431 -3.42 -16.53 -26.59
N TYR B 432 -4.39 -15.63 -26.83
CA TYR B 432 -5.63 -15.65 -26.07
C TYR B 432 -6.71 -16.52 -26.72
N GLU B 433 -7.07 -16.24 -27.97
CA GLU B 433 -8.03 -17.10 -28.67
C GLU B 433 -7.47 -18.48 -28.95
N GLY B 434 -6.15 -18.66 -28.81
CA GLY B 434 -5.49 -19.93 -29.07
C GLY B 434 -5.18 -20.71 -27.82
N VAL B 435 -3.94 -20.58 -27.33
CA VAL B 435 -3.48 -21.37 -26.19
C VAL B 435 -4.37 -21.12 -24.97
N LYS B 436 -4.69 -19.85 -24.70
CA LYS B 436 -5.46 -19.53 -23.51
C LYS B 436 -6.90 -20.03 -23.62
N ALA B 437 -7.49 -19.96 -24.80
CA ALA B 437 -8.89 -20.32 -24.97
C ALA B 437 -9.11 -21.83 -25.06
N GLY B 438 -8.05 -22.63 -25.07
CA GLY B 438 -8.17 -24.07 -25.20
C GLY B 438 -7.99 -24.59 -26.61
N ASN B 439 -8.07 -23.72 -27.62
CA ASN B 439 -7.78 -24.10 -29.00
C ASN B 439 -6.27 -24.03 -29.23
N LEU B 440 -5.57 -25.03 -28.69
CA LEU B 440 -4.11 -25.03 -28.73
C LEU B 440 -3.59 -25.09 -30.16
N LYS B 441 -4.31 -25.80 -31.05
CA LYS B 441 -3.86 -25.95 -32.43
C LYS B 441 -3.76 -24.59 -33.13
N LEU B 442 -4.80 -23.76 -32.99
CA LEU B 442 -4.77 -22.44 -33.60
C LEU B 442 -3.65 -21.59 -33.01
N GLY B 443 -3.45 -21.67 -31.70
CA GLY B 443 -2.39 -20.90 -31.08
C GLY B 443 -1.01 -21.27 -31.61
N ARG B 444 -0.72 -22.58 -31.63
CA ARG B 444 0.60 -22.99 -32.14
C ARG B 444 0.74 -22.65 -33.61
N GLU B 445 -0.33 -22.80 -34.39
CA GLU B 445 -0.32 -22.44 -35.80
C GLU B 445 0.09 -20.98 -35.99
N LEU B 446 -0.65 -20.07 -35.35
CA LEU B 446 -0.38 -18.65 -35.54
C LEU B 446 1.01 -18.29 -35.04
N LEU B 447 1.39 -18.84 -33.88
CA LEU B 447 2.71 -18.53 -33.33
C LEU B 447 3.82 -19.03 -34.22
N LEU B 448 3.64 -20.17 -34.88
CA LEU B 448 4.78 -20.69 -35.64
C LEU B 448 4.88 -20.06 -37.02
N LYS B 449 3.77 -19.68 -37.67
CA LYS B 449 3.96 -18.78 -38.82
C LYS B 449 4.57 -17.45 -38.41
N THR B 450 4.18 -16.89 -37.26
CA THR B 450 4.81 -15.65 -36.82
C THR B 450 6.31 -15.82 -36.64
N ALA B 451 6.72 -16.89 -35.96
CA ALA B 451 8.13 -17.16 -35.75
C ALA B 451 8.84 -17.38 -37.08
N LYS B 452 8.20 -18.08 -38.01
CA LYS B 452 8.83 -18.34 -39.30
C LYS B 452 9.06 -17.04 -40.05
N ILE B 453 8.06 -16.17 -40.12
CA ILE B 453 8.23 -14.94 -40.90
C ILE B 453 9.27 -14.04 -40.23
N LEU B 454 9.27 -13.99 -38.90
CA LEU B 454 10.30 -13.21 -38.21
C LEU B 454 11.69 -13.76 -38.47
N GLU B 455 11.84 -15.09 -38.43
CA GLU B 455 13.15 -15.69 -38.66
C GLU B 455 13.62 -15.45 -40.08
N GLU B 456 12.71 -15.53 -41.05
CA GLU B 456 13.08 -15.30 -42.44
C GLU B 456 13.54 -13.87 -42.66
N ARG B 457 13.04 -12.93 -41.86
CA ARG B 457 13.43 -11.53 -41.99
C ARG B 457 14.81 -11.24 -41.41
N GLY B 458 15.43 -12.18 -40.72
CA GLY B 458 16.79 -11.99 -40.24
C GLY B 458 16.97 -12.08 -38.75
N ALA B 459 15.97 -12.61 -38.04
CA ALA B 459 16.06 -12.72 -36.59
C ALA B 459 17.02 -13.83 -36.19
N GLU B 460 18.04 -13.47 -35.41
CA GLU B 460 19.01 -14.44 -34.91
C GLU B 460 18.51 -15.20 -33.68
N CYS B 461 17.49 -14.69 -33.00
CA CYS B 461 16.89 -15.38 -31.87
C CYS B 461 15.49 -14.82 -31.65
N ILE B 462 14.67 -15.61 -30.97
CA ILE B 462 13.26 -15.31 -30.74
C ILE B 462 12.99 -15.32 -29.24
N ILE B 463 12.26 -14.32 -28.76
CA ILE B 463 11.91 -14.20 -27.36
C ILE B 463 10.41 -14.39 -27.22
N ALA B 464 10.00 -15.20 -26.24
CA ALA B 464 8.60 -15.48 -25.97
C ALA B 464 8.22 -14.76 -24.68
N GLY B 465 7.61 -13.58 -24.84
CA GLY B 465 7.28 -12.75 -23.70
C GLY B 465 6.21 -13.30 -22.79
N CYS B 466 5.55 -14.39 -23.19
CA CYS B 466 4.52 -15.01 -22.38
C CYS B 466 4.75 -16.51 -22.33
N THR B 467 4.28 -17.13 -21.26
CA THR B 467 4.41 -18.58 -21.12
C THR B 467 3.59 -19.32 -22.17
N GLU B 468 2.53 -18.69 -22.69
CA GLU B 468 1.68 -19.35 -23.67
C GLU B 468 2.44 -19.69 -24.94
N VAL B 469 3.33 -18.79 -25.37
CA VAL B 469 4.14 -19.06 -26.56
C VAL B 469 5.05 -20.24 -26.32
N SER B 470 5.72 -20.26 -25.16
CA SER B 470 6.62 -21.37 -24.84
C SER B 470 5.90 -22.69 -24.65
N VAL B 471 4.61 -22.65 -24.29
CA VAL B 471 3.85 -23.88 -24.10
C VAL B 471 3.76 -24.67 -25.40
N VAL B 472 3.47 -23.99 -26.51
CA VAL B 472 3.24 -24.66 -27.78
C VAL B 472 4.43 -24.57 -28.73
N LEU B 473 5.47 -23.82 -28.38
CA LEU B 473 6.65 -23.66 -29.23
C LEU B 473 7.86 -24.21 -28.51
N LYS B 474 8.64 -25.03 -29.21
CA LYS B 474 9.83 -25.66 -28.67
C LYS B 474 11.05 -25.28 -29.51
N GLN B 475 12.23 -25.63 -28.99
CA GLN B 475 13.47 -25.27 -29.66
C GLN B 475 13.61 -25.95 -31.02
N ASP B 476 13.18 -27.21 -31.13
CA ASP B 476 13.31 -27.94 -32.39
C ASP B 476 12.49 -27.35 -33.52
N ASP B 477 11.52 -26.48 -33.22
CA ASP B 477 10.65 -25.91 -34.23
C ASP B 477 11.30 -24.77 -35.00
N LEU B 478 12.42 -24.23 -34.52
CA LEU B 478 13.10 -23.13 -35.18
C LEU B 478 14.59 -23.40 -35.24
N LYS B 479 15.24 -22.84 -36.27
CA LYS B 479 16.69 -22.96 -36.38
C LYS B 479 17.41 -22.11 -35.35
N VAL B 480 16.90 -20.91 -35.08
CA VAL B 480 17.53 -19.98 -34.14
C VAL B 480 17.22 -20.42 -32.71
N PRO B 481 18.03 -20.04 -31.73
CA PRO B 481 17.74 -20.40 -30.34
C PRO B 481 16.46 -19.72 -29.85
N LEU B 482 15.77 -20.40 -28.95
CA LEU B 482 14.57 -19.87 -28.30
C LEU B 482 14.90 -19.59 -26.84
N ILE B 483 14.72 -18.32 -26.43
CA ILE B 483 15.02 -17.88 -25.08
C ILE B 483 13.74 -17.37 -24.44
N ASP B 484 13.52 -17.75 -23.18
CA ASP B 484 12.33 -17.33 -22.47
C ASP B 484 12.72 -16.75 -21.11
N PRO B 485 11.91 -15.82 -20.58
CA PRO B 485 12.12 -15.28 -19.24
C PRO B 485 11.96 -16.35 -18.16
#